data_3JBZ
#
_entry.id   3JBZ
#
_cell.length_a   1.0
_cell.length_b   1.0
_cell.length_c   1.0
_cell.angle_alpha   90.00
_cell.angle_beta   90.00
_cell.angle_gamma   90.00
#
_symmetry.space_group_name_H-M   'P 1'
#
loop_
_entity.id
_entity.type
_entity.pdbx_description
1 polymer 'Serine/threonine-protein kinase mTOR'
2 non-polymer "ADENOSINE-5'-DIPHOSPHATE"
3 non-polymer 'MAGNESIUM ION'
4 non-polymer TRIFLUOROMAGNESATE
#
_entity_poly.entity_id   1
_entity_poly.type   'polypeptide(L)'
_entity_poly.pdbx_seq_one_letter_code
;ERAAKCRAYAKALHYKELEFQKGPTPAILESLISINNKLQQPEAAAGVLEYAMKHFGELEIQATWYEKLHEWEDALVAYD
KKMDTNKDDPELMLGRMRCLEALGEWGQLHQQCCEKWTLVNDETQAKMARMAAAAAWGLGQWDSMEEYTCMIPRDTHDGA
FYRAVLALHQDLFSLAQQCIDKARDLLDAELTAMAGESYSRAYGAMVSCHMLSELEEVIQYKLVPERREIIRQIWWERLQ
GCQRIVEDWQKILMVRSLVVSPHEDMRTWLKYASLCGKSGRLALAHKTLVLLLGVDPSRQLDHPLPTVHPQVTYAYMKNM
WKSARKIDAFQHMQHFVQTMQQQAQHAIATEDQQHKQELHKLMARCFLKLGEWQLNLQGINESTIPKVLQYYSAATEHDR
SWYKAWHAWAVMNFEAVLHYKHQNQARDEKKKLRHASGANITNATTAATTAATATTTASTEGSNSESEAESTENSPTPSP
LQKKVTEDLSKTLLMYTVPAVQGFFRSISLSRGNNLQDTLRVLTLWFDYGHWPDVNEALVEGVKAIQIDTWLQVIPQLIA
RIDTPRPLVGRLIHQLLTDIGRYHPQALIYPLTVASKSTTTARHNAANKILKNMCEHSNTLVQQAMMVSEELIRVAILWH
EMWHEGLEEASRLYFGERNVKGMFEVLEPLHAMMERGPQTLKETSFNQAYGRDLMEAQEWCRKYMKSGNVKDLTQAWDLY
YHVFRRISKQLPQLTSLELQYVSPKLLMCRDLELAVPGTYDPNQPIIRIQSIAPSLQVITSKQRPRKLTLMGSNGHEFVF
LLKGHEDLRQDERVMQLFGLVNTLLANDPTSLRKNLSIQRYAVIPLSTNSGLIGWVPHCDTLHALIRDYREKKKILLNIE
HRIMLRMAPDYDHLTLMQKVEVFEHAVNNTAGDDLAKLLWLKSPSSEVWFDRRTNYTRSLAVMSMVGYILGLGDRHPSNL
MLDRLSGKILHIDFGDCFEVAMTREKFPEKIPFRLTRMLTNAMEVTGLDGNYRITCHTVMEVLREHKDSVMAVLEAFVYD
PLLNWRLMDTNTKGNKRSRTRTDSYSAGQSVEILDGVELGEPAHKKTGTTVPESIHSFIGDGLVKPEALNKKAIQIINRV
RDKLTGRDFSHDDTLDVPTQVELLIKQATSHENLCQCYIGWCPFW
;
_entity_poly.pdbx_strand_id   A
#
loop_
_chem_comp.id
_chem_comp.type
_chem_comp.name
_chem_comp.formula
ADP non-polymer ADENOSINE-5'-DIPHOSPHATE 'C10 H15 N5 O10 P2'
MG non-polymer 'MAGNESIUM ION' 'Mg 2'
MGF non-polymer TRIFLUOROMAGNESATE 'F3 Mg -1'
#
# COMPACT_ATOMS: atom_id res chain seq x y z
N GLU A 1 20.19 -12.39 26.09
CA GLU A 1 19.40 -11.73 27.18
C GLU A 1 18.39 -10.71 26.66
N ARG A 2 18.73 -10.09 25.53
CA ARG A 2 17.87 -9.07 24.91
C ARG A 2 16.56 -9.67 24.36
N ALA A 3 16.67 -10.73 23.55
CA ALA A 3 15.51 -11.46 23.05
C ALA A 3 14.87 -12.33 24.13
N ALA A 4 15.43 -12.28 25.33
CA ALA A 4 14.93 -13.01 26.50
C ALA A 4 14.07 -12.13 27.41
N LYS A 5 14.26 -10.81 27.28
CA LYS A 5 13.47 -9.84 28.04
C LYS A 5 12.05 -9.70 27.49
N CYS A 6 11.93 -9.71 26.15
CA CYS A 6 10.64 -9.56 25.48
C CYS A 6 9.70 -10.76 25.72
N ARG A 7 10.27 -11.92 26.00
CA ARG A 7 9.50 -13.14 26.27
C ARG A 7 8.61 -12.98 27.51
N ALA A 8 9.21 -12.47 28.59
CA ALA A 8 8.48 -12.21 29.82
C ALA A 8 7.33 -11.24 29.55
N TYR A 9 7.61 -10.20 28.75
CA TYR A 9 6.59 -9.22 28.35
C TYR A 9 5.47 -9.90 27.59
N ALA A 10 5.81 -10.51 26.46
CA ALA A 10 4.86 -11.22 25.62
C ALA A 10 3.93 -12.09 26.45
N LYS A 11 4.50 -12.84 27.40
CA LYS A 11 3.73 -13.73 28.26
C LYS A 11 2.79 -13.00 29.23
N ALA A 12 3.30 -11.94 29.88
CA ALA A 12 2.48 -11.14 30.79
C ALA A 12 1.38 -10.38 30.05
N LEU A 13 1.67 -9.98 28.81
CA LEU A 13 0.70 -9.35 27.92
C LEU A 13 -0.45 -10.30 27.60
N HIS A 14 -0.12 -11.58 27.46
CA HIS A 14 -1.14 -12.59 27.25
C HIS A 14 -2.11 -12.62 28.43
N TYR A 15 -1.56 -12.69 29.65
CA TYR A 15 -2.40 -12.77 30.85
C TYR A 15 -3.08 -11.43 31.10
N LYS A 16 -2.37 -10.35 30.79
CA LYS A 16 -2.92 -9.01 30.90
C LYS A 16 -4.12 -8.85 29.99
N GLU A 17 -4.01 -9.36 28.76
CA GLU A 17 -5.12 -9.33 27.80
C GLU A 17 -6.24 -10.27 28.23
N LEU A 18 -5.86 -11.40 28.79
CA LEU A 18 -6.82 -12.41 29.27
C LEU A 18 -7.58 -11.87 30.49
N GLU A 19 -6.95 -10.92 31.17
CA GLU A 19 -7.52 -10.23 32.32
C GLU A 19 -8.53 -9.18 31.83
N PHE A 20 -8.11 -8.36 30.88
CA PHE A 20 -8.97 -7.38 30.23
C PHE A 20 -10.26 -8.06 29.75
N GLN A 21 -10.12 -9.30 29.30
CA GLN A 21 -11.24 -10.11 28.84
C GLN A 21 -12.32 -10.22 29.91
N LYS A 22 -11.87 -10.46 31.14
CA LYS A 22 -12.77 -10.67 32.28
C LYS A 22 -13.45 -9.39 32.74
N GLY A 23 -12.79 -8.26 32.52
CA GLY A 23 -13.35 -6.95 32.88
C GLY A 23 -12.43 -5.78 32.52
N PRO A 24 -12.88 -4.91 31.60
CA PRO A 24 -12.07 -3.75 31.21
C PRO A 24 -11.97 -2.71 32.33
N THR A 25 -10.76 -2.55 32.86
CA THR A 25 -10.48 -1.59 33.93
C THR A 25 -9.37 -0.62 33.51
N PRO A 26 -9.46 0.66 33.93
CA PRO A 26 -8.38 1.62 33.68
C PRO A 26 -7.05 1.20 34.31
N ALA A 27 -7.13 0.34 35.33
CA ALA A 27 -5.97 -0.28 35.97
C ALA A 27 -5.18 -1.13 34.97
N ILE A 28 -5.89 -2.04 34.31
CA ILE A 28 -5.32 -2.88 33.24
C ILE A 28 -4.93 -2.01 32.04
N LEU A 29 -5.87 -1.17 31.60
CA LEU A 29 -5.69 -0.29 30.44
C LEU A 29 -4.40 0.50 30.47
N GLU A 30 -4.03 0.93 31.67
CA GLU A 30 -2.75 1.60 31.89
C GLU A 30 -1.59 0.63 31.64
N SER A 31 -1.61 -0.49 32.36
CA SER A 31 -0.56 -1.50 32.26
C SER A 31 -0.50 -2.19 30.90
N LEU A 32 -1.42 -1.80 30.01
CA LEU A 32 -1.51 -2.42 28.69
C LEU A 32 -0.80 -1.61 27.62
N ILE A 33 -1.05 -0.29 27.57
CA ILE A 33 -0.33 0.60 26.66
C ILE A 33 1.16 0.59 26.97
N SER A 34 1.46 0.25 28.21
CA SER A 34 2.83 0.18 28.71
C SER A 34 3.55 -1.03 28.16
N ILE A 35 2.97 -2.21 28.42
CA ILE A 35 3.59 -3.47 28.01
C ILE A 35 3.61 -3.63 26.48
N ASN A 36 2.60 -3.09 25.80
CA ASN A 36 2.56 -3.09 24.34
C ASN A 36 3.60 -2.09 23.77
N ASN A 37 4.06 -1.17 24.64
CA ASN A 37 5.11 -0.20 24.30
C ASN A 37 6.53 -0.75 24.45
N LYS A 38 6.79 -1.40 25.58
CA LYS A 38 8.09 -2.04 25.82
C LYS A 38 8.33 -3.06 24.73
N LEU A 39 7.23 -3.66 24.25
CA LEU A 39 7.28 -4.64 23.19
C LEU A 39 7.42 -3.96 21.82
N GLN A 40 7.62 -2.64 21.86
CA GLN A 40 7.81 -1.82 20.66
C GLN A 40 6.76 -2.09 19.58
N GLN A 41 5.52 -2.13 20.04
CA GLN A 41 4.37 -2.22 19.18
C GLN A 41 3.62 -0.91 19.36
N PRO A 42 3.96 0.11 18.56
CA PRO A 42 3.46 1.48 18.74
C PRO A 42 1.98 1.60 18.45
N GLU A 43 1.54 0.96 17.37
CA GLU A 43 0.19 1.05 16.87
C GLU A 43 -0.81 0.21 17.68
N ALA A 44 -0.44 -1.02 18.02
CA ALA A 44 -1.27 -1.87 18.86
C ALA A 44 -1.61 -1.15 20.16
N ALA A 45 -0.63 -0.41 20.68
CA ALA A 45 -0.80 0.41 21.88
C ALA A 45 -1.66 1.63 21.58
N ALA A 46 -1.44 2.26 20.42
CA ALA A 46 -2.26 3.39 19.98
C ALA A 46 -3.73 2.99 20.00
N GLY A 47 -3.99 1.74 19.64
CA GLY A 47 -5.32 1.15 19.72
C GLY A 47 -5.87 1.18 21.13
N VAL A 48 -5.02 0.82 22.10
CA VAL A 48 -5.41 0.78 23.51
C VAL A 48 -5.86 2.16 23.99
N LEU A 49 -5.29 3.20 23.40
CA LEU A 49 -5.67 4.56 23.76
C LEU A 49 -6.98 4.95 23.09
N GLU A 50 -7.18 4.47 21.87
CA GLU A 50 -8.45 4.71 21.15
C GLU A 50 -9.63 4.19 21.96
N TYR A 51 -9.50 2.97 22.48
CA TYR A 51 -10.48 2.36 23.38
C TYR A 51 -10.61 3.17 24.68
N ALA A 52 -9.46 3.54 25.26
CA ALA A 52 -9.43 4.32 26.48
C ALA A 52 -10.25 5.60 26.34
N MET A 53 -10.27 6.16 25.14
CA MET A 53 -11.05 7.36 24.86
C MET A 53 -12.54 7.06 24.80
N LYS A 54 -12.91 6.14 23.91
CA LYS A 54 -14.33 5.86 23.61
C LYS A 54 -15.08 5.16 24.75
N HIS A 55 -14.38 4.87 25.85
CA HIS A 55 -14.97 4.19 26.99
C HIS A 55 -14.74 4.92 28.31
N PHE A 56 -13.64 5.65 28.40
CA PHE A 56 -13.31 6.41 29.60
C PHE A 56 -12.81 7.81 29.26
N GLY A 57 -13.73 8.77 29.16
CA GLY A 57 -13.37 10.18 29.09
C GLY A 57 -12.96 10.64 30.48
N GLU A 58 -12.18 9.79 31.14
CA GLU A 58 -11.93 9.87 32.58
C GLU A 58 -10.55 10.38 32.95
N LEU A 59 -9.56 10.12 32.09
CA LEU A 59 -8.29 10.85 32.17
C LEU A 59 -8.52 12.25 31.60
N GLU A 60 -9.77 12.46 31.15
CA GLU A 60 -10.42 13.77 30.93
C GLU A 60 -9.64 14.85 30.16
N ILE A 61 -10.22 16.06 30.15
CA ILE A 61 -9.74 17.19 29.36
C ILE A 61 -9.42 16.74 27.93
N GLN A 62 -10.36 16.99 27.00
CA GLN A 62 -10.21 16.59 25.60
C GLN A 62 -8.87 17.10 24.99
N ALA A 63 -8.25 18.06 25.67
CA ALA A 63 -6.93 18.58 25.31
C ALA A 63 -5.80 17.62 25.71
N THR A 64 -5.96 16.97 26.88
CA THR A 64 -5.04 15.91 27.33
C THR A 64 -5.16 14.67 26.44
N TRP A 65 -6.35 14.46 25.89
CA TRP A 65 -6.59 13.37 24.95
C TRP A 65 -5.91 13.60 23.61
N TYR A 66 -6.12 14.78 23.02
CA TYR A 66 -5.46 15.16 21.78
C TYR A 66 -3.93 15.15 21.93
N GLU A 67 -3.45 15.44 23.14
CA GLU A 67 -2.01 15.45 23.43
C GLU A 67 -1.44 14.04 23.48
N LYS A 68 -2.17 13.11 24.10
CA LYS A 68 -1.74 11.73 24.14
C LYS A 68 -1.91 11.07 22.77
N LEU A 69 -2.81 11.62 21.96
CA LEU A 69 -2.99 11.17 20.58
C LEU A 69 -2.04 11.87 19.60
N HIS A 70 -1.05 12.58 20.16
CA HIS A 70 -0.04 13.32 19.39
C HIS A 70 -0.61 14.26 18.32
N GLU A 71 -1.91 14.56 18.44
CA GLU A 71 -2.56 15.59 17.65
C GLU A 71 -2.37 16.92 18.35
N TRP A 72 -1.13 17.43 18.29
CA TRP A 72 -0.74 18.66 18.97
C TRP A 72 -1.53 19.86 18.48
N GLU A 73 -1.80 19.90 17.18
CA GLU A 73 -2.49 21.03 16.56
C GLU A 73 -3.94 21.14 17.04
N ASP A 74 -4.52 20.00 17.40
CA ASP A 74 -5.86 19.96 17.97
C ASP A 74 -5.86 20.32 19.46
N ALA A 75 -4.88 19.79 20.19
CA ALA A 75 -4.75 20.01 21.65
C ALA A 75 -4.45 21.46 22.02
N LEU A 76 -3.71 22.18 21.17
CA LEU A 76 -3.41 23.59 21.36
C LEU A 76 -4.68 24.44 21.41
N VAL A 77 -5.52 24.31 20.38
CA VAL A 77 -6.77 25.06 20.27
C VAL A 77 -7.78 24.59 21.33
N ALA A 78 -7.58 23.37 21.82
CA ALA A 78 -8.39 22.82 22.91
C ALA A 78 -7.94 23.35 24.27
N TYR A 79 -6.64 23.67 24.39
CA TYR A 79 -6.09 24.26 25.62
C TYR A 79 -6.40 25.74 25.74
N ASP A 80 -6.46 26.42 24.59
CA ASP A 80 -6.87 27.82 24.55
C ASP A 80 -8.29 27.97 25.09
N LYS A 81 -9.19 27.14 24.55
CA LYS A 81 -10.60 27.07 24.99
C LYS A 81 -10.69 26.70 26.47
N LYS A 82 -9.76 25.87 26.94
CA LYS A 82 -9.73 25.40 28.32
C LYS A 82 -9.11 26.43 29.26
N MET A 83 -8.34 27.36 28.70
CA MET A 83 -7.71 28.43 29.47
C MET A 83 -8.55 29.71 29.48
N ASP A 84 -9.13 30.04 28.32
CA ASP A 84 -9.96 31.24 28.16
C ASP A 84 -11.28 31.16 28.93
N THR A 85 -11.79 29.93 29.07
CA THR A 85 -13.01 29.66 29.84
C THR A 85 -12.69 29.43 31.33
N ASN A 86 -11.54 28.82 31.59
CA ASN A 86 -11.05 28.65 32.95
C ASN A 86 -10.19 29.84 33.41
N LYS A 87 -9.11 29.54 34.12
CA LYS A 87 -8.28 30.58 34.73
C LYS A 87 -6.81 30.45 34.30
N ASP A 88 -5.89 30.60 35.26
CA ASP A 88 -4.46 30.45 34.99
C ASP A 88 -4.05 28.99 34.96
N ASP A 89 -4.34 28.28 36.05
CA ASP A 89 -4.17 26.81 36.17
C ASP A 89 -2.81 26.31 35.65
N PRO A 90 -1.81 26.21 36.55
CA PRO A 90 -0.41 25.90 36.22
C PRO A 90 -0.21 24.67 35.33
N GLU A 91 -1.17 23.75 35.39
CA GLU A 91 -1.12 22.51 34.61
C GLU A 91 -1.52 22.73 33.17
N LEU A 92 -2.59 23.50 32.95
CA LEU A 92 -3.10 23.80 31.61
C LEU A 92 -2.10 24.57 30.75
N MET A 93 -1.26 25.36 31.39
CA MET A 93 -0.24 26.14 30.69
C MET A 93 0.93 25.27 30.22
N LEU A 94 1.35 24.33 31.05
CA LEU A 94 2.42 23.40 30.69
C LEU A 94 2.10 22.65 29.40
N GLY A 95 0.86 22.17 29.29
CA GLY A 95 0.38 21.48 28.11
C GLY A 95 0.29 22.42 26.92
N ARG A 96 -0.28 23.60 27.16
CA ARG A 96 -0.36 24.68 26.15
C ARG A 96 1.01 24.96 25.54
N MET A 97 2.06 24.65 26.30
CA MET A 97 3.45 24.84 25.88
C MET A 97 4.04 23.60 25.21
N ARG A 98 3.73 22.42 25.75
CA ARG A 98 4.24 21.16 25.19
C ARG A 98 3.77 20.99 23.76
N CYS A 99 2.57 21.51 23.49
CA CYS A 99 2.03 21.58 22.13
C CYS A 99 2.89 22.49 21.25
N LEU A 100 3.29 23.63 21.79
CA LEU A 100 4.10 24.61 21.06
C LEU A 100 5.51 24.10 20.74
N GLU A 101 6.12 23.37 21.68
CA GLU A 101 7.46 22.82 21.45
C GLU A 101 7.46 21.61 20.51
N ALA A 102 6.33 20.89 20.45
CA ALA A 102 6.16 19.79 19.51
C ALA A 102 5.91 20.33 18.10
N LEU A 103 5.14 21.42 18.03
CA LEU A 103 4.77 22.04 16.76
C LEU A 103 5.87 22.89 16.13
N GLY A 104 6.98 23.06 16.86
CA GLY A 104 8.05 23.96 16.43
C GLY A 104 7.55 25.39 16.38
N GLU A 105 6.90 25.81 17.47
CA GLU A 105 6.29 27.11 17.60
C GLU A 105 7.05 28.00 18.58
N TRP A 106 8.36 28.16 18.31
CA TRP A 106 9.26 28.86 19.23
C TRP A 106 8.83 30.29 19.55
N GLY A 107 8.31 30.98 18.54
CA GLY A 107 7.81 32.34 18.69
C GLY A 107 6.80 32.44 19.82
N GLN A 108 5.77 31.61 19.76
CA GLN A 108 4.74 31.60 20.80
C GLN A 108 5.20 30.92 22.09
N LEU A 109 6.13 29.97 21.97
CA LEU A 109 6.63 29.24 23.14
C LEU A 109 7.52 30.13 24.01
N HIS A 110 8.24 31.04 23.38
CA HIS A 110 9.08 31.97 24.10
C HIS A 110 8.25 33.11 24.70
N GLN A 111 7.25 33.58 23.96
CA GLN A 111 6.33 34.62 24.44
C GLN A 111 5.55 34.13 25.65
N GLN A 112 4.99 32.91 25.56
CA GLN A 112 4.22 32.29 26.63
C GLN A 112 5.09 32.01 27.84
N CYS A 113 6.39 31.89 27.60
CA CYS A 113 7.35 31.62 28.64
C CYS A 113 7.68 32.88 29.46
N CYS A 114 7.97 33.97 28.76
CA CYS A 114 8.35 35.23 29.40
C CYS A 114 7.16 36.01 29.94
N GLU A 115 6.18 36.28 29.06
CA GLU A 115 4.97 37.03 29.43
C GLU A 115 4.21 36.42 30.60
N LYS A 116 4.53 35.17 30.95
CA LYS A 116 3.99 34.51 32.13
C LYS A 116 5.15 33.96 32.97
N TRP A 117 5.69 34.80 33.85
CA TRP A 117 6.84 34.43 34.69
C TRP A 117 6.67 34.68 36.19
N THR A 118 5.42 34.72 36.66
CA THR A 118 5.14 34.68 38.10
C THR A 118 5.51 33.27 38.54
N LEU A 119 4.82 32.27 37.98
CA LEU A 119 5.14 30.85 38.14
C LEU A 119 5.62 30.53 39.54
N VAL A 120 4.75 30.84 40.52
CA VAL A 120 5.06 30.66 41.95
C VAL A 120 5.49 29.22 42.22
N ASN A 121 5.07 28.31 41.34
CA ASN A 121 5.43 26.90 41.47
C ASN A 121 6.85 26.64 41.04
N ASP A 122 7.51 25.74 41.78
CA ASP A 122 8.92 25.43 41.55
C ASP A 122 9.10 24.29 40.54
N GLU A 123 8.13 23.38 40.50
CA GLU A 123 8.10 22.32 39.48
C GLU A 123 7.69 22.90 38.12
N THR A 124 6.75 23.85 38.16
CA THR A 124 6.37 24.64 36.99
C THR A 124 7.58 25.44 36.50
N GLN A 125 8.39 25.88 37.47
CA GLN A 125 9.62 26.63 37.21
C GLN A 125 10.74 25.72 36.67
N ALA A 126 10.71 24.44 37.04
CA ALA A 126 11.73 23.46 36.64
C ALA A 126 11.50 22.91 35.23
N LYS A 127 10.26 22.52 34.94
CA LYS A 127 9.88 22.07 33.60
C LYS A 127 10.09 23.19 32.59
N MET A 128 9.54 24.37 32.91
CA MET A 128 9.65 25.61 32.13
C MET A 128 10.97 25.74 31.36
N ALA A 129 12.07 25.46 32.05
CA ALA A 129 13.42 25.70 31.54
C ALA A 129 13.84 24.77 30.39
N ARG A 130 13.52 23.48 30.52
CA ARG A 130 13.81 22.49 29.47
C ARG A 130 13.33 22.95 28.10
N MET A 131 12.09 23.44 28.07
CA MET A 131 11.42 23.81 26.83
C MET A 131 11.93 25.15 26.29
N ALA A 132 11.99 26.16 27.17
CA ALA A 132 12.41 27.51 26.80
C ALA A 132 13.85 27.58 26.29
N ALA A 133 14.59 26.48 26.47
CA ALA A 133 15.94 26.35 25.93
C ALA A 133 15.87 26.05 24.44
N ALA A 134 15.04 25.07 24.07
CA ALA A 134 14.84 24.68 22.67
C ALA A 134 14.15 25.78 21.87
N ALA A 135 13.19 26.46 22.50
CA ALA A 135 12.50 27.60 21.91
C ALA A 135 13.50 28.72 21.58
N ALA A 136 14.36 29.05 22.54
CA ALA A 136 15.41 30.04 22.37
C ALA A 136 16.44 29.58 21.35
N TRP A 137 16.69 28.27 21.31
CA TRP A 137 17.61 27.69 20.36
C TRP A 137 17.10 27.84 18.94
N GLY A 138 15.80 27.62 18.75
CA GLY A 138 15.17 27.80 17.43
C GLY A 138 15.17 29.24 16.97
N LEU A 139 14.95 30.15 17.91
CA LEU A 139 14.86 31.58 17.61
C LEU A 139 16.21 32.27 17.52
N GLY A 140 17.30 31.50 17.60
CA GLY A 140 18.64 32.07 17.65
C GLY A 140 18.97 32.48 19.07
N GLN A 141 18.38 33.59 19.51
CA GLN A 141 18.51 34.15 20.88
C GLN A 141 19.28 33.26 21.88
N TRP A 142 20.60 33.30 21.80
CA TRP A 142 21.48 32.41 22.58
C TRP A 142 21.64 32.82 24.05
N ASP A 143 21.50 34.13 24.30
CA ASP A 143 21.52 34.66 25.66
C ASP A 143 20.32 34.15 26.45
N SER A 144 19.17 34.09 25.79
CA SER A 144 17.97 33.49 26.36
C SER A 144 18.18 32.01 26.62
N MET A 145 18.91 31.32 25.74
CA MET A 145 19.17 29.88 25.90
C MET A 145 20.00 29.59 27.15
N GLU A 146 21.14 30.26 27.29
CA GLU A 146 22.02 30.00 28.44
C GLU A 146 21.36 30.36 29.77
N GLU A 147 20.58 31.44 29.79
CA GLU A 147 19.76 31.80 30.96
C GLU A 147 18.89 30.62 31.39
N TYR A 148 18.13 30.09 30.44
CA TYR A 148 17.21 28.97 30.70
C TYR A 148 17.94 27.64 30.90
N THR A 149 19.12 27.52 30.31
CA THR A 149 19.95 26.31 30.49
C THR A 149 20.53 26.28 31.91
N CYS A 150 20.98 27.44 32.40
CA CYS A 150 21.52 27.58 33.75
C CYS A 150 20.46 27.31 34.82
N MET A 151 19.23 27.03 34.37
CA MET A 151 18.16 26.60 35.25
C MET A 151 17.90 25.10 35.10
N ILE A 152 18.26 24.53 33.95
CA ILE A 152 18.14 23.10 33.74
C ILE A 152 19.30 22.39 34.45
N PRO A 153 18.98 21.41 35.33
CA PRO A 153 19.98 20.67 36.09
C PRO A 153 20.96 19.95 35.17
N ARG A 154 22.25 20.02 35.52
CA ARG A 154 23.30 19.33 34.77
C ARG A 154 23.26 17.83 35.04
N ASP A 155 22.28 17.42 35.85
CA ASP A 155 22.03 16.02 36.17
C ASP A 155 21.08 15.40 35.15
N THR A 156 20.38 16.23 34.40
CA THR A 156 19.44 15.77 33.37
C THR A 156 20.15 15.59 32.04
N HIS A 157 19.65 14.66 31.23
CA HIS A 157 20.09 14.49 29.84
C HIS A 157 19.92 15.81 29.08
N ASP A 158 18.81 16.49 29.38
CA ASP A 158 18.47 17.77 28.76
C ASP A 158 19.48 18.85 29.13
N GLY A 159 19.74 19.02 30.43
CA GLY A 159 20.68 20.02 30.94
C GLY A 159 22.09 19.86 30.42
N ALA A 160 22.54 18.62 30.25
CA ALA A 160 23.86 18.33 29.72
C ALA A 160 23.94 18.58 28.21
N PHE A 161 22.83 18.36 27.52
CA PHE A 161 22.78 18.54 26.08
C PHE A 161 22.86 20.01 25.66
N TYR A 162 21.97 20.82 26.22
CA TYR A 162 21.85 22.24 25.85
C TYR A 162 23.13 23.05 26.05
N ARG A 163 24.02 22.55 26.91
CA ARG A 163 25.35 23.15 27.09
C ARG A 163 26.23 22.87 25.88
N ALA A 164 26.17 21.64 25.37
CA ALA A 164 26.95 21.23 24.19
C ALA A 164 26.64 22.11 22.98
N VAL A 165 25.39 22.56 22.90
CA VAL A 165 24.91 23.45 21.84
C VAL A 165 25.39 24.89 22.04
N LEU A 166 25.30 25.38 23.28
CA LEU A 166 25.77 26.72 23.64
C LEU A 166 27.28 26.87 23.50
N ALA A 167 27.98 25.77 23.72
CA ALA A 167 29.43 25.72 23.55
C ALA A 167 29.79 25.75 22.07
N LEU A 168 28.99 25.07 21.26
CA LEU A 168 29.24 25.03 19.81
C LEU A 168 29.02 26.36 19.09
N HIS A 169 28.09 27.17 19.60
CA HIS A 169 27.90 28.54 19.09
C HIS A 169 29.03 29.46 19.54
N GLN A 170 29.41 29.35 20.81
CA GLN A 170 30.50 30.15 21.38
C GLN A 170 31.87 29.51 21.16
N ASP A 171 31.90 28.48 20.31
CA ASP A 171 33.13 27.82 19.84
C ASP A 171 33.97 27.16 20.94
N LEU A 172 33.31 26.67 21.99
CA LEU A 172 33.97 25.93 23.07
C LEU A 172 33.83 24.43 22.83
N PHE A 173 34.78 23.88 22.06
CA PHE A 173 34.67 22.55 21.49
C PHE A 173 34.93 21.40 22.45
N SER A 174 35.88 21.61 23.36
CA SER A 174 36.20 20.63 24.40
C SER A 174 35.07 20.53 25.43
N LEU A 175 34.48 21.67 25.75
CA LEU A 175 33.27 21.74 26.59
C LEU A 175 32.12 20.98 25.93
N ALA A 176 31.85 21.31 24.67
CA ALA A 176 30.83 20.64 23.87
C ALA A 176 31.12 19.14 23.75
N GLN A 177 32.41 18.79 23.64
CA GLN A 177 32.83 17.40 23.54
C GLN A 177 32.40 16.57 24.75
N GLN A 178 32.72 17.05 25.94
CA GLN A 178 32.44 16.33 27.18
C GLN A 178 30.95 16.29 27.52
N CYS A 179 30.25 17.39 27.25
CA CYS A 179 28.81 17.52 27.55
C CYS A 179 27.95 16.47 26.84
N ILE A 180 28.42 16.03 25.67
CA ILE A 180 27.74 15.02 24.87
C ILE A 180 27.82 13.64 25.54
N ASP A 181 29.03 13.23 25.91
CA ASP A 181 29.24 11.94 26.55
C ASP A 181 28.51 11.84 27.88
N LYS A 182 28.47 12.97 28.59
CA LYS A 182 27.74 13.06 29.87
C LYS A 182 26.22 13.06 29.67
N ALA A 183 25.76 13.65 28.58
CA ALA A 183 24.33 13.62 28.22
C ALA A 183 23.90 12.23 27.75
N ARG A 184 24.85 11.49 27.16
CA ARG A 184 24.60 10.11 26.71
C ARG A 184 24.35 9.19 27.89
N ASP A 185 25.21 9.28 28.90
CA ASP A 185 25.14 8.44 30.09
C ASP A 185 23.98 8.81 30.99
N LEU A 186 23.58 10.08 30.97
CA LEU A 186 22.40 10.54 31.69
C LEU A 186 21.12 10.16 30.95
N LEU A 187 21.28 9.69 29.70
CA LEU A 187 20.16 9.17 28.92
C LEU A 187 20.15 7.64 28.91
N ASP A 188 21.34 7.05 28.87
CA ASP A 188 21.50 5.59 28.96
C ASP A 188 20.96 5.05 30.29
N ALA A 189 21.32 5.71 31.38
CA ALA A 189 20.86 5.34 32.72
C ALA A 189 19.39 5.71 32.91
N GLU A 190 18.91 6.69 32.14
CA GLU A 190 17.49 7.06 32.16
C GLU A 190 16.63 6.05 31.40
N LEU A 191 17.23 5.35 30.43
CA LEU A 191 16.55 4.27 29.69
C LEU A 191 16.47 2.97 30.52
N THR A 192 17.00 3.00 31.73
CA THR A 192 16.90 1.88 32.69
C THR A 192 16.02 2.27 33.89
N ALA A 193 15.86 3.57 34.12
CA ALA A 193 15.02 4.10 35.21
C ALA A 193 13.54 3.83 34.97
N MET A 194 13.03 4.30 33.84
CA MET A 194 11.72 3.88 33.35
C MET A 194 11.90 2.78 32.31
N ALA A 195 12.46 1.65 32.76
CA ALA A 195 12.81 0.51 31.91
C ALA A 195 11.57 -0.21 31.37
N GLY A 196 10.96 0.40 30.35
CA GLY A 196 9.78 -0.15 29.71
C GLY A 196 8.63 0.84 29.50
N GLU A 197 8.06 1.32 30.60
CA GLU A 197 6.88 2.20 30.54
C GLU A 197 7.25 3.67 30.31
N SER A 198 7.47 4.02 29.05
CA SER A 198 7.76 5.40 28.63
C SER A 198 6.98 5.75 27.36
N TYR A 199 7.06 7.02 26.96
CA TYR A 199 6.34 7.54 25.79
C TYR A 199 7.01 7.08 24.50
N SER A 200 6.83 7.86 23.43
CA SER A 200 7.68 7.75 22.26
C SER A 200 9.06 8.29 22.65
N ARG A 201 9.38 8.15 23.93
CA ARG A 201 10.65 8.59 24.50
C ARG A 201 11.72 7.50 24.38
N ALA A 202 11.27 6.25 24.23
CA ALA A 202 12.18 5.14 23.91
C ALA A 202 12.57 5.21 22.43
N TYR A 203 11.63 5.66 21.60
CA TYR A 203 11.88 5.90 20.18
C TYR A 203 12.46 7.30 19.95
N GLY A 204 12.22 8.19 20.92
CA GLY A 204 12.80 9.53 20.93
C GLY A 204 14.18 9.56 21.57
N ALA A 205 14.57 8.43 22.17
CA ALA A 205 15.93 8.20 22.63
C ALA A 205 16.83 8.05 21.41
N MET A 206 16.28 7.45 20.35
CA MET A 206 16.92 7.42 19.04
C MET A 206 17.12 8.83 18.50
N VAL A 207 16.12 9.69 18.70
CA VAL A 207 16.18 11.09 18.27
C VAL A 207 17.28 11.84 19.03
N SER A 208 17.42 11.56 20.32
CA SER A 208 18.47 12.20 21.12
C SER A 208 19.87 11.61 20.87
N CYS A 209 19.94 10.29 20.65
CA CYS A 209 21.23 9.64 20.36
C CYS A 209 21.69 9.90 18.92
N HIS A 210 20.73 10.11 18.03
CA HIS A 210 21.00 10.51 16.65
C HIS A 210 21.60 11.92 16.65
N MET A 211 20.93 12.84 17.34
CA MET A 211 21.37 14.23 17.44
C MET A 211 22.73 14.37 18.13
N LEU A 212 22.97 13.59 19.17
CA LEU A 212 24.24 13.64 19.91
C LEU A 212 25.42 13.21 19.05
N SER A 213 25.25 12.17 18.24
CA SER A 213 26.28 11.73 17.31
C SER A 213 26.41 12.68 16.11
N GLU A 214 25.31 13.37 15.78
CA GLU A 214 25.32 14.43 14.76
C GLU A 214 26.01 15.68 15.29
N LEU A 215 25.77 15.99 16.56
CA LEU A 215 26.37 17.14 17.25
C LEU A 215 27.87 16.91 17.46
N GLU A 216 28.30 15.66 17.30
CA GLU A 216 29.72 15.29 17.34
C GLU A 216 30.36 15.38 15.96
N GLU A 217 29.54 15.62 14.94
CA GLU A 217 30.02 15.93 13.60
C GLU A 217 30.00 17.44 13.36
N VAL A 218 29.03 18.13 13.98
CA VAL A 218 29.01 19.59 14.04
C VAL A 218 30.23 20.08 14.82
N ILE A 219 30.64 19.30 15.82
CA ILE A 219 31.93 19.46 16.49
C ILE A 219 33.06 19.32 15.47
N GLN A 220 33.04 18.22 14.69
CA GLN A 220 34.03 17.99 13.64
C GLN A 220 34.07 19.12 12.60
N TYR A 221 33.14 20.06 12.73
CA TYR A 221 32.92 21.11 11.73
C TYR A 221 33.23 22.53 12.28
N LYS A 222 34.35 22.71 12.97
CA LYS A 222 34.68 24.00 13.63
C LYS A 222 36.13 24.57 13.51
N LEU A 223 37.16 23.77 13.86
CA LEU A 223 38.62 24.12 13.67
C LEU A 223 39.43 23.41 12.48
N VAL A 224 39.76 22.10 12.56
CA VAL A 224 40.48 21.38 11.45
C VAL A 224 39.67 21.12 10.20
N PRO A 225 39.91 21.90 9.15
CA PRO A 225 38.96 21.94 8.07
C PRO A 225 38.74 20.75 7.13
N GLU A 226 39.04 19.47 7.44
CA GLU A 226 38.79 18.37 6.40
C GLU A 226 37.78 17.21 6.58
N ARG A 227 36.59 17.36 5.96
CA ARG A 227 35.47 16.38 5.92
C ARG A 227 34.16 17.06 5.48
N ARG A 228 34.21 18.36 5.16
CA ARG A 228 33.02 19.16 4.76
C ARG A 228 32.12 18.46 3.75
N GLU A 229 32.73 17.86 2.74
CA GLU A 229 32.00 17.08 1.75
C GLU A 229 31.56 15.74 2.34
N ILE A 230 32.48 15.07 3.04
CA ILE A 230 32.19 13.76 3.65
C ILE A 230 31.05 13.87 4.67
N ILE A 231 31.07 14.94 5.47
CA ILE A 231 30.01 15.22 6.46
C ILE A 231 28.68 15.60 5.81
N ARG A 232 28.73 16.46 4.80
CA ARG A 232 27.52 16.85 4.07
C ARG A 232 26.87 15.69 3.30
N GLN A 233 27.69 14.74 2.86
CA GLN A 233 27.20 13.53 2.20
C GLN A 233 26.40 12.65 3.17
N ILE A 234 27.03 12.29 4.30
CA ILE A 234 26.39 11.46 5.32
C ILE A 234 25.14 12.16 5.88
N TRP A 235 25.20 13.48 6.00
CA TRP A 235 24.06 14.31 6.39
C TRP A 235 22.91 14.21 5.39
N TRP A 236 23.25 14.23 4.11
CA TRP A 236 22.27 14.17 3.01
C TRP A 236 21.71 12.77 2.79
N GLU A 237 22.60 11.77 2.78
CA GLU A 237 22.23 10.39 2.51
C GLU A 237 21.40 9.78 3.64
N ARG A 238 21.82 10.04 4.87
CA ARG A 238 21.08 9.58 6.05
C ARG A 238 19.92 10.54 6.33
N LEU A 239 19.32 11.03 5.26
CA LEU A 239 18.13 11.87 5.36
C LEU A 239 17.09 11.39 4.36
N GLN A 240 17.51 11.17 3.12
CA GLN A 240 16.67 10.45 2.16
C GLN A 240 16.39 9.04 2.72
N GLY A 241 17.43 8.46 3.32
CA GLY A 241 17.32 7.17 4.00
C GLY A 241 16.45 7.24 5.25
N CYS A 242 16.78 8.14 6.16
CA CYS A 242 16.02 8.32 7.40
C CYS A 242 14.55 8.68 7.15
N GLN A 243 13.69 8.17 8.02
CA GLN A 243 12.25 8.47 7.99
C GLN A 243 11.70 8.71 9.40
N ARG A 244 11.49 9.97 9.77
CA ARG A 244 10.96 10.34 11.08
C ARG A 244 10.00 11.53 10.95
N ILE A 245 8.84 11.44 11.60
CA ILE A 245 7.78 12.46 11.47
C ILE A 245 8.29 13.86 11.76
N VAL A 246 7.92 14.79 10.88
CA VAL A 246 8.17 16.24 10.98
C VAL A 246 8.97 16.69 12.21
N GLU A 247 8.30 16.62 13.36
CA GLU A 247 8.78 17.17 14.65
C GLU A 247 10.25 16.89 14.96
N ASP A 248 10.66 15.64 14.77
CA ASP A 248 12.02 15.22 15.09
C ASP A 248 13.03 15.84 14.14
N TRP A 249 12.67 15.87 12.86
CA TRP A 249 13.52 16.42 11.81
C TRP A 249 13.80 17.91 12.00
N GLN A 250 12.84 18.63 12.58
CA GLN A 250 13.02 20.03 12.94
C GLN A 250 14.27 20.15 13.80
N LYS A 251 14.25 19.43 14.91
CA LYS A 251 15.35 19.39 15.87
C LYS A 251 16.64 18.88 15.20
N ILE A 252 16.49 17.84 14.37
CA ILE A 252 17.61 17.22 13.65
C ILE A 252 18.32 18.24 12.76
N LEU A 253 17.52 19.05 12.05
CA LEU A 253 18.05 20.13 11.24
C LEU A 253 18.59 21.29 12.08
N MET A 254 17.96 21.56 13.23
CA MET A 254 18.41 22.61 14.14
C MET A 254 19.85 22.40 14.60
N VAL A 255 20.27 21.13 14.62
CA VAL A 255 21.65 20.75 14.91
C VAL A 255 22.55 21.09 13.72
N ARG A 256 22.05 20.82 12.52
CA ARG A 256 22.75 21.11 11.28
C ARG A 256 22.73 22.62 10.99
N SER A 257 21.80 23.32 11.64
CA SER A 257 21.67 24.77 11.53
C SER A 257 22.82 25.51 12.24
N LEU A 258 23.42 24.84 13.23
CA LEU A 258 24.58 25.36 13.96
C LEU A 258 25.77 25.61 13.03
N VAL A 259 25.75 24.96 11.87
CA VAL A 259 26.84 25.02 10.90
C VAL A 259 26.38 25.50 9.53
N VAL A 260 25.52 24.71 8.88
CA VAL A 260 25.09 25.00 7.51
C VAL A 260 23.74 25.72 7.49
N SER A 261 23.77 26.97 7.03
CA SER A 261 22.57 27.79 6.90
C SER A 261 21.68 27.27 5.78
N PRO A 262 20.35 27.54 5.86
CA PRO A 262 19.38 27.06 4.87
C PRO A 262 19.76 27.41 3.43
N HIS A 263 20.36 28.58 3.23
CA HIS A 263 20.72 29.07 1.89
C HIS A 263 21.83 28.26 1.22
N GLU A 264 22.62 27.55 2.02
CA GLU A 264 23.65 26.64 1.50
C GLU A 264 23.12 25.21 1.43
N ASP A 265 22.25 24.87 2.37
CA ASP A 265 21.61 23.56 2.43
C ASP A 265 20.65 23.37 1.26
N MET A 266 19.84 24.40 1.01
CA MET A 266 18.81 24.43 -0.05
C MET A 266 18.00 23.14 -0.23
N ARG A 267 18.57 22.18 -0.97
CA ARG A 267 17.93 20.88 -1.23
C ARG A 267 17.54 20.15 0.06
N THR A 268 18.34 20.33 1.10
CA THR A 268 18.15 19.69 2.39
C THR A 268 16.80 20.10 2.98
N TRP A 269 16.57 21.41 3.00
CA TRP A 269 15.36 22.00 3.59
C TRP A 269 14.12 21.85 2.70
N LEU A 270 14.32 21.85 1.39
CA LEU A 270 13.21 21.66 0.44
C LEU A 270 12.62 20.26 0.55
N LYS A 271 13.50 19.28 0.70
CA LYS A 271 13.11 17.90 0.97
C LYS A 271 12.33 17.81 2.28
N TYR A 272 12.75 18.63 3.25
CA TYR A 272 12.06 18.71 4.54
C TYR A 272 10.72 19.41 4.40
N ALA A 273 10.72 20.57 3.74
CA ALA A 273 9.50 21.32 3.47
C ALA A 273 8.52 20.46 2.69
N SER A 274 9.08 19.66 1.77
CA SER A 274 8.31 18.70 0.98
C SER A 274 7.56 17.70 1.86
N LEU A 275 8.20 17.26 2.94
CA LEU A 275 7.59 16.30 3.85
C LEU A 275 6.52 16.96 4.72
N CYS A 276 6.77 18.20 5.10
CA CYS A 276 5.84 18.96 5.94
C CYS A 276 4.51 19.15 5.24
N GLY A 277 4.55 19.27 3.91
CA GLY A 277 3.35 19.34 3.11
C GLY A 277 2.66 17.99 3.02
N LYS A 278 3.42 16.98 2.62
CA LYS A 278 2.92 15.62 2.42
C LYS A 278 2.35 14.99 3.70
N SER A 279 2.93 15.35 4.84
CA SER A 279 2.42 14.92 6.16
C SER A 279 1.19 15.73 6.58
N GLY A 280 1.25 17.04 6.38
CA GLY A 280 0.12 17.91 6.67
C GLY A 280 0.41 19.04 7.64
N ARG A 281 1.61 19.63 7.52
CA ARG A 281 1.99 20.81 8.29
C ARG A 281 2.35 21.97 7.37
N LEU A 282 1.38 22.41 6.59
CA LEU A 282 1.58 23.45 5.58
C LEU A 282 2.03 24.79 6.17
N ALA A 283 1.48 25.16 7.33
CA ALA A 283 1.87 26.38 8.00
C ALA A 283 3.37 26.40 8.33
N LEU A 284 3.93 25.22 8.58
CA LEU A 284 5.34 25.09 8.88
C LEU A 284 6.18 25.11 7.61
N ALA A 285 5.75 24.32 6.62
CA ALA A 285 6.41 24.25 5.31
C ALA A 285 6.51 25.62 4.66
N HIS A 286 5.43 26.40 4.78
CA HIS A 286 5.41 27.77 4.29
C HIS A 286 6.56 28.55 4.89
N LYS A 287 6.66 28.54 6.22
CA LYS A 287 7.73 29.26 6.93
C LYS A 287 9.13 28.80 6.51
N THR A 288 9.28 27.51 6.27
CA THR A 288 10.55 26.96 5.76
C THR A 288 10.89 27.59 4.42
N LEU A 289 9.87 27.70 3.58
CA LEU A 289 10.02 28.23 2.22
C LEU A 289 10.25 29.73 2.20
N VAL A 290 9.49 30.47 3.02
CA VAL A 290 9.63 31.92 3.14
C VAL A 290 11.07 32.27 3.49
N LEU A 291 11.64 31.47 4.40
CA LEU A 291 13.03 31.59 4.84
C LEU A 291 14.04 31.41 3.70
N LEU A 292 13.81 30.38 2.88
CA LEU A 292 14.67 30.08 1.75
C LEU A 292 14.59 31.14 0.64
N LEU A 293 13.38 31.67 0.41
CA LEU A 293 13.18 32.75 -0.57
C LEU A 293 13.88 34.04 -0.16
N GLY A 294 13.89 34.31 1.14
CA GLY A 294 14.34 35.59 1.67
C GLY A 294 13.36 36.68 1.28
N VAL A 295 12.13 36.26 0.97
CA VAL A 295 11.05 37.15 0.51
C VAL A 295 9.74 36.75 1.21
N ASP A 296 8.84 37.73 1.33
CA ASP A 296 7.54 37.62 2.02
C ASP A 296 6.81 36.26 1.95
N PRO A 297 6.02 35.94 3.01
CA PRO A 297 4.94 34.97 2.87
C PRO A 297 3.97 35.50 1.80
N SER A 298 4.56 36.08 0.77
CA SER A 298 3.89 36.94 -0.20
C SER A 298 2.73 37.68 0.45
N ARG A 299 3.06 38.66 1.30
CA ARG A 299 2.07 39.58 1.85
C ARG A 299 1.58 40.48 0.74
N GLN A 300 2.47 40.76 -0.21
CA GLN A 300 2.09 41.36 -1.49
C GLN A 300 1.58 40.26 -2.41
N LEU A 301 0.30 39.97 -2.25
CA LEU A 301 -0.35 38.82 -2.85
C LEU A 301 -0.62 39.02 -4.34
N ASP A 302 -0.86 40.26 -4.74
CA ASP A 302 -1.16 40.58 -6.15
C ASP A 302 0.08 40.54 -7.04
N HIS A 303 1.25 40.59 -6.40
CA HIS A 303 2.52 40.61 -7.12
C HIS A 303 2.97 39.23 -7.59
N PRO A 304 3.72 39.19 -8.72
CA PRO A 304 4.46 38.02 -9.20
C PRO A 304 5.52 37.53 -8.20
N LEU A 305 5.93 36.28 -8.36
CA LEU A 305 6.84 35.63 -7.41
C LEU A 305 8.31 35.80 -7.79
N PRO A 306 9.23 35.74 -6.81
CA PRO A 306 10.67 35.91 -7.05
C PRO A 306 11.29 34.71 -7.77
N THR A 307 11.89 35.00 -8.92
CA THR A 307 12.53 33.98 -9.78
C THR A 307 13.98 33.69 -9.37
N VAL A 308 14.46 34.41 -8.36
CA VAL A 308 15.85 34.29 -7.86
C VAL A 308 16.32 32.85 -7.60
N HIS A 309 15.44 32.02 -7.06
CA HIS A 309 15.74 30.60 -6.82
C HIS A 309 14.66 29.72 -7.41
N PRO A 310 14.84 29.32 -8.69
CA PRO A 310 13.82 28.59 -9.45
C PRO A 310 13.21 27.39 -8.73
N GLN A 311 14.04 26.63 -8.00
CA GLN A 311 13.56 25.44 -7.31
C GLN A 311 12.63 25.79 -6.15
N VAL A 312 13.04 26.78 -5.35
CA VAL A 312 12.28 27.24 -4.19
C VAL A 312 10.88 27.72 -4.59
N THR A 313 10.81 28.49 -5.67
CA THR A 313 9.53 28.96 -6.19
C THR A 313 8.65 27.76 -6.52
N TYR A 314 9.14 26.87 -7.39
CA TYR A 314 8.39 25.66 -7.74
C TYR A 314 7.84 25.00 -6.47
N ALA A 315 8.68 24.93 -5.44
CA ALA A 315 8.24 24.38 -4.17
C ALA A 315 7.08 25.19 -3.61
N TYR A 316 7.28 26.50 -3.51
CA TYR A 316 6.28 27.41 -2.97
C TYR A 316 4.95 27.23 -3.69
N MET A 317 5.02 27.18 -5.01
CA MET A 317 3.82 27.08 -5.84
C MET A 317 3.11 25.74 -5.64
N LYS A 318 3.86 24.66 -5.55
CA LYS A 318 3.21 23.37 -5.29
C LYS A 318 2.68 23.29 -3.88
N ASN A 319 3.28 24.05 -2.96
CA ASN A 319 2.77 24.19 -1.60
C ASN A 319 1.50 25.01 -1.58
N MET A 320 1.47 26.05 -2.42
CA MET A 320 0.30 26.92 -2.57
C MET A 320 -0.90 26.11 -3.11
N TRP A 321 -0.61 25.20 -4.05
CA TRP A 321 -1.64 24.32 -4.61
C TRP A 321 -2.21 23.39 -3.54
N LYS A 322 -1.33 22.68 -2.84
CA LYS A 322 -1.74 21.77 -1.75
C LYS A 322 -2.34 22.55 -0.58
N SER A 323 -1.95 23.82 -0.46
CA SER A 323 -2.61 24.74 0.45
C SER A 323 -4.01 25.10 -0.10
N ALA A 324 -4.59 26.20 0.34
CA ALA A 324 -5.91 26.60 -0.14
C ALA A 324 -5.88 27.19 -1.56
N ARG A 325 -5.08 28.24 -1.75
CA ARG A 325 -5.05 29.08 -2.96
C ARG A 325 -4.64 28.38 -4.27
N LYS A 326 -5.59 27.80 -5.01
CA LYS A 326 -5.19 26.99 -6.17
C LYS A 326 -5.68 27.38 -7.58
N ILE A 327 -6.44 28.47 -7.69
CA ILE A 327 -6.58 29.15 -8.98
C ILE A 327 -5.39 30.11 -9.03
N ASP A 328 -5.05 30.61 -7.84
CA ASP A 328 -3.91 31.47 -7.64
C ASP A 328 -2.62 30.71 -7.94
N ALA A 329 -2.55 29.46 -7.47
CA ALA A 329 -1.39 28.62 -7.71
C ALA A 329 -1.21 28.35 -9.19
N PHE A 330 -2.26 27.88 -9.83
CA PHE A 330 -2.20 27.58 -11.27
C PHE A 330 -1.66 28.77 -12.02
N GLN A 331 -2.24 29.93 -11.72
CA GLN A 331 -1.88 31.19 -12.37
C GLN A 331 -0.39 31.54 -12.30
N HIS A 332 0.21 31.39 -11.11
CA HIS A 332 1.63 31.65 -10.92
C HIS A 332 2.51 30.70 -11.69
N MET A 333 1.94 29.58 -12.15
CA MET A 333 2.70 28.54 -12.86
C MET A 333 2.80 28.85 -14.35
N GLN A 334 1.69 29.29 -14.93
CA GLN A 334 1.68 29.72 -16.32
C GLN A 334 2.78 30.74 -16.55
N HIS A 335 2.84 31.73 -15.66
CA HIS A 335 3.82 32.80 -15.72
C HIS A 335 5.23 32.33 -15.41
N PHE A 336 5.38 31.52 -14.37
CA PHE A 336 6.70 31.00 -13.99
C PHE A 336 7.38 30.26 -15.14
N VAL A 337 6.63 29.37 -15.79
CA VAL A 337 7.13 28.64 -16.95
C VAL A 337 7.59 29.60 -18.05
N GLN A 338 6.80 30.64 -18.31
CA GLN A 338 7.13 31.64 -19.33
C GLN A 338 8.39 32.41 -18.99
N THR A 339 8.56 32.73 -17.70
CA THR A 339 9.77 33.38 -17.22
C THR A 339 10.96 32.43 -17.33
N MET A 340 10.68 31.14 -17.26
CA MET A 340 11.74 30.13 -17.23
C MET A 340 12.36 29.85 -18.60
N GLN A 341 11.53 29.81 -19.66
CA GLN A 341 12.04 29.61 -21.02
C GLN A 341 12.86 30.81 -21.51
N GLN A 342 12.44 32.01 -21.11
CA GLN A 342 13.22 33.22 -21.36
C GLN A 342 14.58 33.15 -20.68
N GLN A 343 14.58 32.85 -19.38
CA GLN A 343 15.81 32.72 -18.58
C GLN A 343 16.69 31.57 -19.09
N ALA A 344 16.13 30.75 -19.98
CA ALA A 344 16.89 29.72 -20.66
C ALA A 344 17.42 30.26 -21.99
N GLN A 345 16.53 30.37 -22.98
CA GLN A 345 16.88 30.77 -24.35
C GLN A 345 17.85 31.95 -24.43
N HIS A 346 17.71 32.90 -23.51
CA HIS A 346 18.49 34.13 -23.51
C HIS A 346 19.71 34.06 -22.58
N ALA A 347 19.47 33.81 -21.29
CA ALA A 347 20.52 33.86 -20.29
C ALA A 347 21.64 32.82 -20.50
N ILE A 348 21.32 31.73 -21.20
CA ILE A 348 22.32 30.67 -21.46
C ILE A 348 23.34 31.07 -22.54
N ALA A 349 24.49 31.54 -22.06
CA ALA A 349 25.67 31.70 -22.91
C ALA A 349 26.47 30.43 -22.73
N THR A 350 26.41 29.57 -23.75
CA THR A 350 26.92 28.18 -23.74
C THR A 350 27.64 27.70 -22.48
N GLU A 351 28.64 28.47 -22.05
CA GLU A 351 29.45 28.13 -20.86
C GLU A 351 28.63 27.78 -19.63
N ASP A 352 27.30 27.82 -19.77
CA ASP A 352 26.38 27.35 -18.74
C ASP A 352 25.45 26.30 -19.35
N GLN A 353 25.78 25.03 -19.11
CA GLN A 353 25.05 23.90 -19.71
C GLN A 353 24.42 23.00 -18.66
N GLN A 354 25.04 22.93 -17.49
CA GLN A 354 24.45 22.25 -16.34
C GLN A 354 23.21 23.03 -15.88
N HIS A 355 23.36 24.34 -15.72
CA HIS A 355 22.24 25.22 -15.37
C HIS A 355 21.14 25.11 -16.42
N LYS A 356 21.54 25.08 -17.69
CA LYS A 356 20.60 24.91 -18.81
C LYS A 356 19.71 23.66 -18.69
N GLN A 357 20.33 22.53 -18.35
CA GLN A 357 19.64 21.25 -18.33
C GLN A 357 18.77 21.07 -17.08
N GLU A 358 19.28 21.50 -15.94
CA GLU A 358 18.52 21.47 -14.69
C GLU A 358 17.36 22.46 -14.74
N LEU A 359 17.54 23.55 -15.47
CA LEU A 359 16.51 24.53 -15.72
C LEU A 359 15.44 23.94 -16.65
N HIS A 360 15.89 23.04 -17.52
CA HIS A 360 15.02 22.33 -18.46
C HIS A 360 14.29 21.17 -17.81
N LYS A 361 14.89 20.58 -16.78
CA LYS A 361 14.27 19.50 -16.03
C LYS A 361 13.23 20.01 -15.04
N LEU A 362 13.52 21.12 -14.37
CA LEU A 362 12.55 21.79 -13.51
C LEU A 362 11.33 22.21 -14.30
N MET A 363 11.55 22.72 -15.51
CA MET A 363 10.46 23.13 -16.39
C MET A 363 9.54 21.97 -16.73
N ALA A 364 10.12 20.82 -17.08
CA ALA A 364 9.35 19.61 -17.39
C ALA A 364 8.45 19.27 -16.22
N ARG A 365 9.06 19.24 -15.03
CA ARG A 365 8.34 18.94 -13.78
C ARG A 365 7.33 20.05 -13.42
N CYS A 366 7.46 21.21 -14.08
CA CYS A 366 6.51 22.34 -13.97
C CYS A 366 5.33 22.14 -14.89
N PHE A 367 5.61 21.75 -16.11
CA PHE A 367 4.58 21.52 -17.11
C PHE A 367 3.68 20.39 -16.67
N LEU A 368 4.28 19.34 -16.10
CA LEU A 368 3.53 18.18 -15.66
C LEU A 368 2.54 18.53 -14.55
N LYS A 369 2.87 19.54 -13.75
CA LYS A 369 1.96 20.08 -12.74
C LYS A 369 0.90 20.95 -13.41
N LEU A 370 1.33 21.73 -14.41
CA LEU A 370 0.42 22.61 -15.14
C LEU A 370 -0.74 21.85 -15.79
N GLY A 371 -0.40 20.75 -16.46
CA GLY A 371 -1.39 19.89 -17.08
C GLY A 371 -2.22 19.18 -16.02
N GLU A 372 -1.56 18.77 -14.95
CA GLU A 372 -2.19 18.09 -13.83
C GLU A 372 -3.25 18.97 -13.18
N TRP A 373 -2.92 20.25 -13.02
CA TRP A 373 -3.79 21.21 -12.37
C TRP A 373 -4.91 21.69 -13.28
N GLN A 374 -4.62 21.84 -14.57
CA GLN A 374 -5.62 22.24 -15.55
C GLN A 374 -6.76 21.23 -15.55
N LEU A 375 -6.39 19.95 -15.52
CA LEU A 375 -7.36 18.85 -15.48
C LEU A 375 -8.15 18.84 -14.19
N ASN A 376 -7.48 19.19 -13.10
CA ASN A 376 -8.10 19.25 -11.78
C ASN A 376 -9.13 20.37 -11.67
N LEU A 377 -8.80 21.53 -12.23
CA LEU A 377 -9.65 22.70 -12.12
C LEU A 377 -10.82 22.67 -13.11
N GLN A 378 -10.60 22.03 -14.26
CA GLN A 378 -11.55 22.13 -15.36
C GLN A 378 -12.18 20.81 -15.79
N GLY A 379 -11.47 19.70 -15.59
CA GLY A 379 -11.91 18.40 -16.07
C GLY A 379 -11.57 18.20 -17.53
N ILE A 380 -12.10 17.15 -18.13
CA ILE A 380 -11.81 16.84 -19.53
C ILE A 380 -12.95 17.27 -20.47
N ASN A 381 -12.64 18.18 -21.39
CA ASN A 381 -13.63 18.69 -22.35
C ASN A 381 -12.94 19.31 -23.56
N GLU A 382 -13.74 19.69 -24.56
CA GLU A 382 -13.23 20.22 -25.81
C GLU A 382 -12.24 21.36 -25.65
N SER A 383 -12.28 22.04 -24.50
CA SER A 383 -11.39 23.16 -24.25
C SER A 383 -10.04 22.76 -23.66
N THR A 384 -10.05 21.90 -22.65
CA THR A 384 -8.82 21.51 -21.93
C THR A 384 -7.99 20.44 -22.64
N ILE A 385 -8.63 19.54 -23.36
CA ILE A 385 -7.93 18.46 -24.07
C ILE A 385 -6.69 18.95 -24.84
N PRO A 386 -6.84 19.93 -25.76
CA PRO A 386 -5.61 20.29 -26.47
C PRO A 386 -4.65 21.16 -25.64
N LYS A 387 -5.13 21.71 -24.52
CA LYS A 387 -4.30 22.53 -23.63
C LYS A 387 -3.35 21.69 -22.79
N VAL A 388 -3.87 20.62 -22.19
CA VAL A 388 -3.05 19.75 -21.34
C VAL A 388 -2.10 18.91 -22.18
N LEU A 389 -2.58 18.46 -23.34
CA LEU A 389 -1.75 17.74 -24.29
C LEU A 389 -0.58 18.61 -24.69
N GLN A 390 -0.87 19.91 -24.75
CA GLN A 390 0.13 20.94 -24.97
C GLN A 390 1.16 20.93 -23.84
N TYR A 391 0.66 21.02 -22.60
CA TYR A 391 1.51 21.02 -21.43
C TYR A 391 2.36 19.75 -21.32
N TYR A 392 1.75 18.59 -21.56
CA TYR A 392 2.44 17.32 -21.44
C TYR A 392 3.50 17.12 -22.52
N SER A 393 3.10 17.31 -23.77
CA SER A 393 4.04 17.23 -24.89
C SER A 393 5.23 18.14 -24.60
N ALA A 394 4.94 19.31 -24.03
CA ALA A 394 5.95 20.29 -23.60
C ALA A 394 6.84 19.74 -22.48
N ALA A 395 6.27 18.90 -21.62
CA ALA A 395 7.04 18.25 -20.57
C ALA A 395 7.86 17.08 -21.14
N THR A 396 7.29 16.41 -22.15
CA THR A 396 7.98 15.35 -22.88
C THR A 396 9.24 15.86 -23.57
N GLU A 397 9.20 17.13 -23.99
CA GLU A 397 10.32 17.76 -24.68
C GLU A 397 11.48 18.05 -23.75
N HIS A 398 11.19 18.63 -22.59
CA HIS A 398 12.23 19.14 -21.70
C HIS A 398 12.94 18.08 -20.84
N ASP A 399 12.40 16.86 -20.79
CA ASP A 399 13.07 15.77 -20.06
C ASP A 399 13.37 14.53 -20.90
N ARG A 400 12.67 14.37 -22.02
CA ARG A 400 12.92 13.26 -22.98
C ARG A 400 12.84 11.87 -22.39
N SER A 401 13.66 11.60 -21.36
CA SER A 401 13.43 10.47 -20.46
C SER A 401 12.47 10.96 -19.36
N TRP A 402 12.33 10.17 -18.30
CA TRP A 402 11.37 10.44 -17.22
C TRP A 402 10.03 9.79 -17.50
N TYR A 403 9.73 8.77 -16.71
CA TYR A 403 8.54 7.95 -16.90
C TYR A 403 7.26 8.77 -16.83
N LYS A 404 7.06 9.49 -15.72
CA LYS A 404 5.83 10.27 -15.49
C LYS A 404 5.41 11.08 -16.71
N ALA A 405 6.37 11.80 -17.30
CA ALA A 405 6.10 12.70 -18.41
C ALA A 405 5.46 12.00 -19.60
N TRP A 406 6.13 10.94 -20.07
CA TRP A 406 5.64 10.16 -21.20
C TRP A 406 4.36 9.45 -20.84
N HIS A 407 4.34 8.87 -19.65
CA HIS A 407 3.17 8.22 -19.11
C HIS A 407 1.95 9.14 -19.14
N ALA A 408 2.08 10.30 -18.50
CA ALA A 408 0.98 11.28 -18.41
C ALA A 408 0.41 11.63 -19.78
N TRP A 409 1.31 11.85 -20.73
CA TRP A 409 0.95 12.17 -22.10
C TRP A 409 0.16 11.03 -22.75
N ALA A 410 0.63 9.80 -22.55
CA ALA A 410 -0.05 8.64 -23.09
C ALA A 410 -1.46 8.54 -22.53
N VAL A 411 -1.58 8.64 -21.21
CA VAL A 411 -2.88 8.53 -20.54
C VAL A 411 -3.82 9.64 -21.00
N MET A 412 -3.30 10.86 -21.09
CA MET A 412 -4.11 11.97 -21.53
C MET A 412 -4.64 11.70 -22.93
N ASN A 413 -3.75 11.29 -23.83
CA ASN A 413 -4.12 10.88 -25.18
C ASN A 413 -5.15 9.73 -25.20
N PHE A 414 -4.93 8.75 -24.32
CA PHE A 414 -5.83 7.61 -24.20
C PHE A 414 -7.19 8.01 -23.65
N GLU A 415 -7.20 9.08 -22.86
CA GLU A 415 -8.44 9.60 -22.29
C GLU A 415 -9.10 10.62 -23.20
N ALA A 416 -8.31 11.21 -24.09
CA ALA A 416 -8.84 12.01 -25.18
C ALA A 416 -9.68 11.11 -26.07
N VAL A 417 -9.16 9.92 -26.37
CA VAL A 417 -9.90 8.88 -27.07
C VAL A 417 -11.19 8.54 -26.33
N LEU A 418 -11.08 8.16 -25.05
CA LEU A 418 -12.24 7.75 -24.25
C LEU A 418 -13.31 8.85 -24.15
N HIS A 419 -12.86 10.09 -24.02
CA HIS A 419 -13.78 11.23 -23.93
C HIS A 419 -14.76 11.25 -25.10
N TYR A 420 -14.25 11.04 -26.31
CA TYR A 420 -15.05 11.14 -27.52
C TYR A 420 -15.81 9.87 -27.89
N LYS A 421 -15.20 8.71 -27.65
CA LYS A 421 -15.90 7.43 -27.77
C LYS A 421 -17.13 7.41 -26.86
N HIS A 422 -16.97 7.94 -25.65
CA HIS A 422 -18.06 8.00 -24.66
C HIS A 422 -19.03 9.16 -24.92
N GLN A 423 -18.56 10.17 -25.65
CA GLN A 423 -19.41 11.29 -26.05
C GLN A 423 -20.31 10.91 -27.23
N ASN A 424 -19.82 10.00 -28.07
CA ASN A 424 -20.57 9.51 -29.23
C ASN A 424 -21.57 8.40 -28.88
N GLN A 425 -21.33 7.72 -27.78
CA GLN A 425 -22.31 6.80 -27.20
C GLN A 425 -23.43 7.62 -26.60
N ALA A 426 -23.10 8.84 -26.16
CA ALA A 426 -24.09 9.79 -25.67
C ALA A 426 -24.99 10.31 -26.81
N ARG A 427 -24.40 10.60 -27.97
CA ARG A 427 -25.14 11.09 -29.13
C ARG A 427 -26.11 10.05 -29.69
N ASP A 428 -25.62 8.81 -29.83
CA ASP A 428 -26.40 7.73 -30.46
C ASP A 428 -27.51 7.17 -29.59
N GLU A 429 -27.62 7.67 -28.36
CA GLU A 429 -28.71 7.33 -27.45
C GLU A 429 -30.00 8.04 -27.88
N LYS A 430 -29.85 9.29 -28.32
CA LYS A 430 -30.98 10.08 -28.84
C LYS A 430 -31.11 9.92 -30.35
N LYS A 483 -23.02 9.18 -40.27
CA LYS A 483 -22.41 9.22 -41.60
C LYS A 483 -21.24 10.19 -41.63
N LYS A 484 -21.51 11.48 -41.47
CA LYS A 484 -20.49 12.49 -41.20
C LYS A 484 -20.14 12.41 -39.71
N VAL A 485 -20.94 11.63 -38.97
CA VAL A 485 -20.72 11.35 -37.55
C VAL A 485 -19.48 10.48 -37.34
N THR A 486 -19.40 9.36 -38.06
CA THR A 486 -18.31 8.40 -37.92
C THR A 486 -17.01 8.90 -38.57
N GLU A 487 -17.15 9.63 -39.68
CA GLU A 487 -16.01 10.19 -40.41
C GLU A 487 -15.16 11.12 -39.54
N ASP A 488 -15.82 12.05 -38.87
CA ASP A 488 -15.17 12.97 -37.94
C ASP A 488 -14.64 12.22 -36.72
N LEU A 489 -15.43 11.27 -36.21
CA LEU A 489 -15.01 10.41 -35.12
C LEU A 489 -13.76 9.61 -35.49
N SER A 490 -13.74 9.06 -36.70
CA SER A 490 -12.57 8.35 -37.23
C SER A 490 -11.33 9.24 -37.20
N LYS A 491 -11.47 10.46 -37.70
CA LYS A 491 -10.38 11.45 -37.67
C LYS A 491 -10.07 11.93 -36.26
N THR A 492 -11.09 11.95 -35.41
CA THR A 492 -10.94 12.33 -34.01
C THR A 492 -10.13 11.28 -33.25
N LEU A 493 -10.57 10.03 -33.36
CA LEU A 493 -9.93 8.94 -32.63
C LEU A 493 -8.53 8.59 -33.16
N LEU A 494 -8.38 8.48 -34.48
CA LEU A 494 -7.06 8.27 -35.09
C LEU A 494 -6.06 9.36 -34.72
N MET A 495 -6.60 10.52 -34.33
CA MET A 495 -5.79 11.66 -33.94
C MET A 495 -5.14 11.44 -32.59
N TYR A 496 -5.90 10.91 -31.63
CA TYR A 496 -5.40 10.71 -30.27
C TYR A 496 -4.88 9.31 -30.01
N THR A 497 -5.36 8.35 -30.80
CA THR A 497 -4.97 6.95 -30.62
C THR A 497 -3.48 6.73 -30.87
N VAL A 498 -3.02 7.16 -32.03
CA VAL A 498 -1.61 6.98 -32.44
C VAL A 498 -0.58 7.54 -31.43
N PRO A 499 -0.75 8.82 -31.00
CA PRO A 499 0.19 9.37 -30.01
C PRO A 499 0.13 8.64 -28.67
N ALA A 500 -1.08 8.22 -28.26
CA ALA A 500 -1.25 7.43 -27.05
C ALA A 500 -0.40 6.16 -27.13
N VAL A 501 -0.53 5.45 -28.25
CA VAL A 501 0.24 4.22 -28.46
C VAL A 501 1.71 4.55 -28.36
N GLN A 502 2.14 5.58 -29.07
CA GLN A 502 3.53 6.00 -29.09
C GLN A 502 4.03 6.30 -27.69
N GLY A 503 3.24 7.09 -26.95
CA GLY A 503 3.57 7.50 -25.59
C GLY A 503 3.73 6.32 -24.65
N PHE A 504 2.76 5.42 -24.65
CA PHE A 504 2.81 4.22 -23.80
C PHE A 504 4.07 3.43 -24.05
N PHE A 505 4.50 3.35 -25.30
CA PHE A 505 5.71 2.62 -25.67
C PHE A 505 6.98 3.24 -25.09
N ARG A 506 7.18 4.53 -25.29
CA ARG A 506 8.38 5.14 -24.74
C ARG A 506 8.26 5.27 -23.24
N SER A 507 7.04 5.16 -22.70
CA SER A 507 6.85 5.13 -21.26
C SER A 507 7.29 3.77 -20.69
N ILE A 508 6.90 2.68 -21.35
CA ILE A 508 7.27 1.31 -20.93
C ILE A 508 8.77 1.08 -20.85
N SER A 509 9.48 1.48 -21.89
CA SER A 509 10.93 1.29 -21.98
C SER A 509 11.68 2.01 -20.85
N LEU A 510 11.05 3.04 -20.29
CA LEU A 510 11.59 3.75 -19.14
C LEU A 510 11.14 3.18 -17.80
N SER A 511 10.52 1.99 -17.80
CA SER A 511 9.89 1.42 -16.61
C SER A 511 10.42 0.06 -16.24
N ARG A 512 11.20 -0.54 -17.14
CA ARG A 512 11.74 -1.91 -16.97
C ARG A 512 11.60 -2.52 -15.57
N GLY A 513 10.86 -3.62 -15.49
CA GLY A 513 10.53 -4.21 -14.21
C GLY A 513 9.09 -3.86 -13.84
N ASN A 514 8.82 -2.57 -13.66
CA ASN A 514 7.49 -2.12 -13.25
C ASN A 514 6.73 -1.34 -14.34
N ASN A 515 6.09 -2.06 -15.25
CA ASN A 515 5.35 -1.43 -16.34
C ASN A 515 4.06 -2.15 -16.76
N LEU A 516 3.55 -2.98 -15.87
CA LEU A 516 2.32 -3.72 -16.10
C LEU A 516 1.16 -2.83 -16.57
N GLN A 517 1.00 -1.68 -15.92
CA GLN A 517 -0.08 -0.77 -16.26
C GLN A 517 0.04 -0.36 -17.72
N ASP A 518 1.17 0.25 -18.05
CA ASP A 518 1.42 0.77 -19.40
C ASP A 518 1.43 -0.31 -20.48
N THR A 519 1.96 -1.49 -20.13
CA THR A 519 1.98 -2.65 -21.03
C THR A 519 0.55 -3.07 -21.36
N LEU A 520 -0.30 -3.15 -20.34
CA LEU A 520 -1.70 -3.47 -20.54
C LEU A 520 -2.39 -2.39 -21.38
N ARG A 521 -2.04 -1.14 -21.13
CA ARG A 521 -2.65 0.00 -21.84
C ARG A 521 -2.37 -0.03 -23.33
N VAL A 522 -1.15 -0.47 -23.69
CA VAL A 522 -0.79 -0.69 -25.09
C VAL A 522 -1.78 -1.67 -25.69
N LEU A 523 -2.03 -2.77 -24.99
CA LEU A 523 -2.94 -3.83 -25.46
C LEU A 523 -4.40 -3.39 -25.60
N THR A 524 -4.85 -2.45 -24.78
CA THR A 524 -6.20 -1.94 -24.94
C THR A 524 -6.30 -1.28 -26.30
N LEU A 525 -5.43 -0.30 -26.54
CA LEU A 525 -5.40 0.44 -27.81
C LEU A 525 -5.19 -0.49 -29.00
N TRP A 526 -4.31 -1.47 -28.82
CA TRP A 526 -4.05 -2.51 -29.80
C TRP A 526 -5.32 -3.31 -30.09
N PHE A 527 -5.75 -4.14 -29.13
CA PHE A 527 -6.89 -5.02 -29.33
C PHE A 527 -8.13 -4.24 -29.74
N ASP A 528 -8.35 -3.12 -29.04
CA ASP A 528 -9.58 -2.37 -29.17
C ASP A 528 -9.74 -1.68 -30.52
N TYR A 529 -8.64 -1.53 -31.26
CA TYR A 529 -8.71 -0.78 -32.51
C TYR A 529 -8.54 -1.54 -33.81
N GLY A 530 -9.51 -2.41 -34.10
CA GLY A 530 -9.65 -3.15 -35.38
C GLY A 530 -9.00 -2.41 -36.53
N HIS A 531 -7.81 -2.86 -36.88
CA HIS A 531 -6.75 -1.92 -37.21
C HIS A 531 -6.72 -1.07 -38.46
N TRP A 532 -6.87 0.22 -38.22
CA TRP A 532 -6.63 1.24 -39.22
C TRP A 532 -5.13 1.52 -39.24
N PRO A 533 -4.51 1.26 -40.39
CA PRO A 533 -3.10 1.36 -40.71
C PRO A 533 -2.25 2.18 -39.74
N ASP A 534 -2.59 3.45 -39.56
CA ASP A 534 -1.78 4.37 -38.74
C ASP A 534 -1.44 3.75 -37.38
N VAL A 535 -2.47 3.25 -36.71
CA VAL A 535 -2.35 2.65 -35.38
C VAL A 535 -1.40 1.46 -35.46
N ASN A 536 -1.62 0.60 -36.45
CA ASN A 536 -0.83 -0.63 -36.60
C ASN A 536 0.66 -0.39 -36.79
N GLU A 537 1.00 0.68 -37.51
CA GLU A 537 2.40 1.02 -37.77
C GLU A 537 3.11 1.36 -36.47
N ALA A 538 2.47 2.18 -35.65
CA ALA A 538 3.01 2.58 -34.36
C ALA A 538 3.17 1.37 -33.46
N LEU A 539 2.20 0.47 -33.51
CA LEU A 539 2.23 -0.77 -32.73
C LEU A 539 3.40 -1.65 -33.15
N VAL A 540 3.60 -1.79 -34.46
CA VAL A 540 4.69 -2.59 -35.01
C VAL A 540 6.03 -1.94 -34.66
N GLU A 541 6.06 -0.61 -34.74
CA GLU A 541 7.25 0.15 -34.37
C GLU A 541 7.68 -0.08 -32.94
N GLY A 542 6.71 -0.06 -32.04
CA GLY A 542 6.96 -0.28 -30.63
C GLY A 542 7.47 -1.67 -30.38
N VAL A 543 6.73 -2.68 -30.86
CA VAL A 543 7.08 -4.09 -30.62
C VAL A 543 8.53 -4.32 -31.00
N LYS A 544 8.95 -3.73 -32.12
CA LYS A 544 10.35 -3.74 -32.53
C LYS A 544 11.25 -3.13 -31.45
N ALA A 545 10.88 -1.93 -30.99
CA ALA A 545 11.69 -1.14 -30.03
C ALA A 545 11.76 -1.72 -28.62
N ILE A 546 10.59 -1.97 -28.03
CA ILE A 546 10.46 -2.47 -26.66
C ILE A 546 11.03 -3.89 -26.48
N GLN A 547 11.66 -4.14 -25.34
CA GLN A 547 12.23 -5.45 -25.00
C GLN A 547 11.20 -6.59 -24.97
N ILE A 548 11.64 -7.82 -25.22
CA ILE A 548 10.75 -8.99 -25.26
C ILE A 548 10.19 -9.27 -23.88
N ASP A 549 11.01 -9.05 -22.86
CA ASP A 549 10.66 -9.29 -21.46
C ASP A 549 9.29 -8.76 -21.16
N THR A 550 9.15 -7.45 -21.35
CA THR A 550 7.90 -6.76 -21.13
C THR A 550 6.72 -7.70 -21.21
N TRP A 551 6.61 -8.39 -22.34
CA TRP A 551 5.44 -9.17 -22.68
C TRP A 551 5.11 -10.40 -21.82
N LEU A 552 6.07 -10.89 -21.05
CA LEU A 552 5.84 -12.05 -20.18
C LEU A 552 4.71 -11.78 -19.16
N GLN A 553 4.77 -10.60 -18.51
CA GLN A 553 3.69 -10.06 -17.65
C GLN A 553 2.31 -10.26 -18.20
N VAL A 554 2.23 -10.28 -19.53
CA VAL A 554 0.99 -10.01 -20.22
C VAL A 554 0.54 -11.20 -21.09
N ILE A 555 1.24 -12.32 -20.93
CA ILE A 555 1.03 -13.49 -21.79
C ILE A 555 -0.39 -14.07 -21.79
N PRO A 556 -0.98 -14.26 -20.60
CA PRO A 556 -2.36 -14.75 -20.59
C PRO A 556 -3.33 -13.81 -21.34
N GLN A 557 -3.06 -12.52 -21.32
CA GLN A 557 -3.90 -11.55 -22.04
C GLN A 557 -3.74 -11.67 -23.55
N LEU A 558 -2.51 -11.86 -24.01
CA LEU A 558 -2.20 -12.03 -25.43
C LEU A 558 -2.86 -13.29 -25.98
N ILE A 559 -2.66 -14.40 -25.26
CA ILE A 559 -3.24 -15.69 -25.60
C ILE A 559 -4.77 -15.65 -25.62
N ALA A 560 -5.36 -14.87 -24.72
CA ALA A 560 -6.81 -14.71 -24.68
C ALA A 560 -7.37 -14.07 -25.97
N ARG A 561 -6.46 -13.68 -26.86
CA ARG A 561 -6.85 -13.10 -28.13
C ARG A 561 -6.03 -13.65 -29.30
N ILE A 562 -5.62 -14.93 -29.25
CA ILE A 562 -4.90 -15.51 -30.39
C ILE A 562 -5.84 -15.53 -31.58
N ASP A 563 -7.04 -16.04 -31.34
CA ASP A 563 -8.10 -16.14 -32.33
C ASP A 563 -8.83 -14.82 -32.53
N THR A 564 -8.08 -13.74 -32.75
CA THR A 564 -8.72 -12.44 -32.97
C THR A 564 -9.26 -12.37 -34.38
N PRO A 565 -10.58 -12.11 -34.51
CA PRO A 565 -11.27 -11.96 -35.79
C PRO A 565 -10.67 -10.85 -36.68
N ARG A 566 -10.14 -9.80 -36.06
CA ARG A 566 -9.51 -8.71 -36.79
C ARG A 566 -8.16 -9.12 -37.38
N PRO A 567 -7.97 -8.85 -38.69
CA PRO A 567 -6.91 -9.51 -39.46
C PRO A 567 -5.51 -8.98 -39.13
N LEU A 568 -5.43 -7.68 -38.90
CA LEU A 568 -4.15 -7.04 -38.72
C LEU A 568 -3.67 -7.19 -37.28
N VAL A 569 -4.64 -7.26 -36.37
CA VAL A 569 -4.37 -7.51 -34.96
C VAL A 569 -3.74 -8.88 -34.80
N GLY A 570 -4.45 -9.91 -35.26
CA GLY A 570 -3.98 -11.29 -35.17
C GLY A 570 -2.53 -11.48 -35.58
N ARG A 571 -2.18 -10.98 -36.76
CA ARG A 571 -0.85 -11.19 -37.31
C ARG A 571 0.26 -10.79 -36.35
N LEU A 572 0.18 -9.56 -35.83
CA LEU A 572 1.20 -9.04 -34.90
C LEU A 572 1.31 -9.91 -33.65
N ILE A 573 0.16 -10.24 -33.06
CA ILE A 573 0.10 -11.13 -31.90
C ILE A 573 0.86 -12.42 -32.19
N HIS A 574 0.50 -13.07 -33.28
CA HIS A 574 1.11 -14.35 -33.66
C HIS A 574 2.61 -14.19 -33.81
N GLN A 575 3.01 -13.11 -34.48
CA GLN A 575 4.43 -12.85 -34.69
C GLN A 575 5.12 -12.57 -33.37
N LEU A 576 4.48 -11.77 -32.51
CA LEU A 576 5.04 -11.43 -31.20
C LEU A 576 5.18 -12.67 -30.33
N LEU A 577 4.13 -13.49 -30.30
CA LEU A 577 4.15 -14.73 -29.53
C LEU A 577 5.24 -15.68 -29.99
N THR A 578 5.49 -15.72 -31.30
CA THR A 578 6.52 -16.61 -31.82
C THR A 578 7.93 -16.13 -31.44
N ASP A 579 8.13 -14.83 -31.38
CA ASP A 579 9.39 -14.25 -30.91
C ASP A 579 9.59 -14.53 -29.43
N ILE A 580 8.51 -14.35 -28.67
CA ILE A 580 8.44 -14.76 -27.26
C ILE A 580 8.58 -16.28 -27.18
N GLY A 581 8.49 -16.95 -28.33
CA GLY A 581 8.80 -18.37 -28.43
C GLY A 581 10.29 -18.61 -28.53
N ARG A 582 10.95 -17.91 -29.45
CA ARG A 582 12.40 -18.04 -29.67
C ARG A 582 13.21 -17.83 -28.38
N TYR A 583 12.95 -16.72 -27.68
CA TYR A 583 13.47 -16.54 -26.33
C TYR A 583 12.35 -16.86 -25.36
N HIS A 584 12.69 -17.33 -24.16
CA HIS A 584 11.70 -17.72 -23.13
C HIS A 584 10.65 -18.75 -23.61
N PRO A 585 11.09 -19.84 -24.26
CA PRO A 585 10.08 -20.88 -24.40
C PRO A 585 9.99 -21.50 -23.03
N GLN A 586 8.77 -21.64 -22.50
CA GLN A 586 8.56 -22.11 -21.13
C GLN A 586 7.44 -21.28 -20.56
N ALA A 587 7.68 -19.97 -20.58
CA ALA A 587 6.65 -19.00 -20.27
C ALA A 587 5.55 -19.08 -21.31
N LEU A 588 5.75 -19.94 -22.31
CA LEU A 588 4.76 -20.10 -23.36
C LEU A 588 4.13 -21.48 -23.51
N ILE A 589 4.91 -22.55 -23.31
CA ILE A 589 4.40 -23.90 -23.65
C ILE A 589 3.12 -24.20 -22.93
N TYR A 590 3.16 -24.21 -21.60
CA TYR A 590 1.97 -24.54 -20.81
C TYR A 590 0.73 -23.82 -21.34
N PRO A 591 0.75 -22.47 -21.38
CA PRO A 591 -0.43 -21.75 -21.86
C PRO A 591 -0.78 -22.05 -23.32
N LEU A 592 0.22 -22.23 -24.18
CA LEU A 592 -0.03 -22.54 -25.60
C LEU A 592 -0.59 -23.95 -25.81
N THR A 593 -0.07 -24.88 -25.03
CA THR A 593 -0.56 -26.26 -25.01
C THR A 593 -2.06 -26.29 -24.72
N VAL A 594 -2.46 -25.69 -23.60
CA VAL A 594 -3.87 -25.55 -23.24
C VAL A 594 -4.71 -25.00 -24.39
N ALA A 595 -4.25 -23.89 -24.97
CA ALA A 595 -4.94 -23.23 -26.07
C ALA A 595 -5.09 -24.13 -27.29
N SER A 596 -4.10 -25.00 -27.50
CA SER A 596 -4.05 -25.89 -28.67
C SER A 596 -5.03 -27.04 -28.61
N LYS A 597 -5.48 -27.36 -27.40
CA LYS A 597 -6.55 -28.32 -27.25
C LYS A 597 -7.83 -27.58 -26.88
N SER A 598 -8.32 -26.78 -27.81
CA SER A 598 -9.52 -25.99 -27.59
C SER A 598 -10.61 -26.37 -28.56
N THR A 599 -11.82 -26.51 -28.03
CA THR A 599 -13.00 -26.80 -28.85
C THR A 599 -13.20 -25.73 -29.92
N THR A 600 -13.00 -24.47 -29.55
CA THR A 600 -13.02 -23.39 -30.53
C THR A 600 -11.87 -23.57 -31.53
N THR A 601 -12.24 -23.70 -32.79
CA THR A 601 -11.36 -24.14 -33.87
C THR A 601 -10.20 -23.18 -34.13
N ALA A 602 -10.52 -21.92 -34.42
CA ALA A 602 -9.53 -20.89 -34.71
C ALA A 602 -8.48 -20.70 -33.62
N ARG A 603 -8.85 -20.98 -32.35
CA ARG A 603 -7.92 -20.91 -31.22
C ARG A 603 -6.83 -21.96 -31.35
N HIS A 604 -7.25 -23.21 -31.25
CA HIS A 604 -6.31 -24.33 -31.24
C HIS A 604 -5.52 -24.40 -32.54
N ASN A 605 -6.14 -24.00 -33.64
CA ASN A 605 -5.47 -23.86 -34.93
C ASN A 605 -4.29 -22.92 -34.83
N ALA A 606 -4.60 -21.66 -34.55
CA ALA A 606 -3.61 -20.61 -34.44
C ALA A 606 -2.58 -20.93 -33.38
N ALA A 607 -3.02 -21.59 -32.31
CA ALA A 607 -2.15 -22.01 -31.21
C ALA A 607 -1.09 -22.98 -31.68
N ASN A 608 -1.49 -23.91 -32.54
CA ASN A 608 -0.59 -24.91 -33.08
C ASN A 608 0.48 -24.33 -33.98
N LYS A 609 0.09 -23.37 -34.82
CA LYS A 609 1.02 -22.72 -35.75
C LYS A 609 2.25 -22.22 -35.00
N ILE A 610 2.02 -21.71 -33.79
CA ILE A 610 3.10 -21.17 -32.97
C ILE A 610 3.92 -22.31 -32.35
N LEU A 611 3.24 -23.37 -31.94
CA LEU A 611 3.91 -24.56 -31.40
C LEU A 611 4.77 -25.25 -32.45
N LYS A 612 4.23 -25.36 -33.66
CA LYS A 612 4.99 -25.82 -34.82
C LYS A 612 6.26 -24.99 -34.95
N ASN A 613 6.09 -23.66 -35.01
CA ASN A 613 7.19 -22.70 -35.05
C ASN A 613 8.22 -22.84 -33.93
N MET A 614 7.78 -23.39 -32.80
CA MET A 614 8.64 -23.51 -31.63
C MET A 614 9.40 -24.82 -31.62
N CYS A 615 8.93 -25.78 -32.41
CA CYS A 615 9.63 -27.05 -32.55
C CYS A 615 10.89 -26.86 -33.38
N GLU A 616 10.85 -25.85 -34.26
CA GLU A 616 11.99 -25.50 -35.10
C GLU A 616 13.18 -25.00 -34.31
N HIS A 617 13.01 -24.83 -33.00
CA HIS A 617 14.11 -24.36 -32.14
C HIS A 617 14.09 -24.95 -30.73
N SER A 618 12.98 -25.58 -30.36
CA SER A 618 12.83 -26.15 -29.02
C SER A 618 12.03 -27.44 -29.00
N ASN A 619 12.08 -28.22 -30.07
CA ASN A 619 11.14 -29.33 -30.27
C ASN A 619 10.72 -30.15 -29.05
N THR A 620 11.67 -30.81 -28.38
CA THR A 620 11.31 -31.75 -27.31
C THR A 620 10.65 -31.08 -26.11
N LEU A 621 10.96 -29.81 -25.88
CA LEU A 621 10.28 -29.03 -24.86
C LEU A 621 8.78 -28.97 -25.18
N VAL A 622 8.45 -28.63 -26.42
CA VAL A 622 7.07 -28.67 -26.90
C VAL A 622 6.53 -30.09 -26.75
N GLN A 623 7.36 -31.07 -27.09
CA GLN A 623 6.95 -32.47 -27.07
C GLN A 623 6.70 -33.00 -25.67
N GLN A 624 7.64 -32.76 -24.77
CA GLN A 624 7.50 -33.12 -23.37
C GLN A 624 6.24 -32.46 -22.82
N ALA A 625 6.24 -31.13 -22.78
CA ALA A 625 5.12 -30.34 -22.28
C ALA A 625 3.78 -30.77 -22.90
N MET A 626 3.82 -31.18 -24.16
CA MET A 626 2.63 -31.69 -24.83
C MET A 626 2.03 -32.87 -24.10
N MET A 627 2.89 -33.85 -23.83
CA MET A 627 2.51 -35.11 -23.21
C MET A 627 2.20 -34.95 -21.72
N VAL A 628 3.05 -34.18 -21.02
CA VAL A 628 2.90 -33.98 -19.57
C VAL A 628 1.56 -33.33 -19.23
N SER A 629 1.12 -32.37 -20.02
CA SER A 629 -0.21 -31.78 -19.79
C SER A 629 -1.34 -32.69 -20.29
N GLU A 630 -1.04 -33.59 -21.24
CA GLU A 630 -2.01 -34.58 -21.70
C GLU A 630 -2.31 -35.59 -20.61
N GLU A 631 -1.26 -36.15 -20.01
CA GLU A 631 -1.41 -37.17 -18.99
C GLU A 631 -2.05 -36.64 -17.72
N LEU A 632 -1.73 -35.40 -17.37
CA LEU A 632 -2.29 -34.77 -16.19
C LEU A 632 -3.81 -34.59 -16.29
N ILE A 633 -4.32 -34.34 -17.50
CA ILE A 633 -5.77 -34.23 -17.69
C ILE A 633 -6.43 -35.60 -17.50
N ARG A 634 -5.79 -36.66 -17.98
CA ARG A 634 -6.27 -38.04 -17.80
C ARG A 634 -6.42 -38.38 -16.31
N VAL A 635 -5.37 -38.05 -15.56
CA VAL A 635 -5.30 -38.29 -14.12
C VAL A 635 -6.36 -37.50 -13.33
N ALA A 636 -6.69 -36.29 -13.78
CA ALA A 636 -7.62 -35.40 -13.07
C ALA A 636 -9.02 -36.00 -12.89
N THR A 735 -8.72 -43.18 -2.27
CA THR A 735 -7.99 -42.32 -1.33
C THR A 735 -6.52 -42.16 -1.75
N SER A 736 -6.13 -42.89 -2.79
CA SER A 736 -4.78 -42.83 -3.35
C SER A 736 -4.83 -43.25 -4.81
N LEU A 737 -3.84 -42.80 -5.58
CA LEU A 737 -3.67 -43.27 -6.95
C LEU A 737 -2.21 -43.56 -7.23
N GLU A 738 -1.96 -44.80 -7.65
CA GLU A 738 -0.63 -45.20 -8.04
C GLU A 738 -0.40 -44.89 -9.51
N LEU A 739 0.73 -44.24 -9.78
CA LEU A 739 1.03 -43.72 -11.10
C LEU A 739 1.17 -44.85 -12.12
N GLN A 740 1.62 -46.01 -11.66
CA GLN A 740 1.82 -47.16 -12.53
C GLN A 740 0.51 -47.83 -13.00
N TYR A 741 -0.62 -47.43 -12.43
CA TYR A 741 -1.92 -47.91 -12.91
C TYR A 741 -2.58 -46.82 -13.71
N VAL A 742 -2.39 -45.59 -13.25
CA VAL A 742 -3.20 -44.44 -13.67
C VAL A 742 -2.63 -43.72 -14.91
N SER A 743 -1.32 -43.48 -14.90
CA SER A 743 -0.61 -42.91 -16.04
C SER A 743 0.86 -43.33 -16.04
N PRO A 744 1.22 -44.29 -16.92
CA PRO A 744 2.56 -44.86 -16.89
C PRO A 744 3.59 -43.89 -17.46
N LYS A 745 3.19 -43.16 -18.51
CA LYS A 745 4.04 -42.18 -19.16
C LYS A 745 4.64 -41.19 -18.17
N LEU A 746 3.91 -40.92 -17.08
CA LEU A 746 4.38 -40.00 -16.05
C LEU A 746 5.37 -40.67 -15.11
N LEU A 747 5.10 -41.92 -14.77
CA LEU A 747 6.05 -42.68 -13.96
C LEU A 747 7.34 -42.87 -14.75
N MET A 748 7.18 -42.96 -16.08
CA MET A 748 8.26 -43.05 -17.06
C MET A 748 9.25 -41.86 -17.01
N CYS A 749 8.74 -40.66 -16.70
CA CYS A 749 9.51 -39.42 -16.78
C CYS A 749 10.74 -39.35 -15.89
N ARG A 750 11.88 -39.03 -16.49
CA ARG A 750 13.11 -38.74 -15.75
C ARG A 750 13.88 -37.63 -16.44
N ASP A 751 14.39 -36.68 -15.65
CA ASP A 751 15.25 -35.60 -16.13
C ASP A 751 14.77 -34.94 -17.42
N LEU A 752 13.61 -34.29 -17.33
CA LEU A 752 13.05 -33.53 -18.44
C LEU A 752 13.71 -32.16 -18.50
N GLU A 753 13.52 -31.46 -19.62
CA GLU A 753 13.95 -30.05 -19.71
C GLU A 753 12.77 -29.11 -19.42
N LEU A 754 11.59 -29.69 -19.22
CA LEU A 754 10.36 -28.97 -18.90
C LEU A 754 10.44 -28.45 -17.47
N ALA A 755 10.28 -27.15 -17.31
CA ALA A 755 10.29 -26.52 -15.98
C ALA A 755 9.05 -26.88 -15.15
N VAL A 756 9.28 -27.10 -13.87
CA VAL A 756 8.23 -27.39 -12.89
C VAL A 756 7.13 -26.34 -12.98
N PRO A 757 5.88 -26.75 -13.25
CA PRO A 757 4.77 -25.83 -13.53
C PRO A 757 4.81 -24.52 -12.72
N GLY A 758 4.85 -23.41 -13.45
CA GLY A 758 4.84 -22.07 -12.87
C GLY A 758 6.01 -21.79 -11.96
N THR A 759 7.19 -22.28 -12.33
CA THR A 759 8.42 -21.93 -11.63
C THR A 759 9.40 -21.21 -12.53
N TYR A 760 9.07 -21.10 -13.82
CA TYR A 760 9.97 -20.41 -14.75
C TYR A 760 9.92 -18.90 -14.62
N ASP A 761 11.08 -18.30 -14.41
CA ASP A 761 11.29 -16.88 -14.71
C ASP A 761 12.75 -16.65 -15.07
N PRO A 762 13.01 -15.76 -16.05
CA PRO A 762 14.37 -15.29 -16.29
C PRO A 762 14.91 -14.70 -14.99
N ASN A 763 16.20 -14.44 -14.91
CA ASN A 763 16.89 -14.07 -13.64
C ASN A 763 17.20 -15.30 -12.81
N GLN A 764 16.35 -16.32 -12.92
CA GLN A 764 16.44 -17.52 -12.09
C GLN A 764 16.64 -18.80 -12.89
N PRO A 765 17.73 -19.55 -12.58
CA PRO A 765 18.02 -20.88 -13.14
C PRO A 765 16.77 -21.76 -13.25
N ILE A 766 16.54 -22.32 -14.43
CA ILE A 766 15.33 -23.11 -14.71
C ILE A 766 15.35 -24.41 -13.89
N ILE A 767 14.32 -24.55 -13.06
CA ILE A 767 14.09 -25.77 -12.31
C ILE A 767 13.14 -26.64 -13.10
N ARG A 768 13.63 -27.81 -13.49
CA ARG A 768 12.86 -28.72 -14.35
C ARG A 768 12.35 -29.96 -13.63
N ILE A 769 11.28 -30.53 -14.18
CA ILE A 769 10.68 -31.76 -13.68
C ILE A 769 11.70 -32.86 -13.82
N GLN A 770 12.24 -33.31 -12.69
CA GLN A 770 13.25 -34.34 -12.69
C GLN A 770 12.60 -35.71 -12.55
N SER A 771 11.57 -35.79 -11.72
CA SER A 771 10.85 -37.05 -11.45
C SER A 771 9.47 -36.78 -10.85
N ILE A 772 8.46 -37.52 -11.30
CA ILE A 772 7.15 -37.39 -10.69
C ILE A 772 6.93 -38.48 -9.65
N ALA A 773 6.64 -38.08 -8.41
CA ALA A 773 6.40 -39.03 -7.32
C ALA A 773 5.26 -39.99 -7.67
N PRO A 774 5.44 -41.30 -7.40
CA PRO A 774 4.61 -42.37 -7.95
C PRO A 774 3.18 -42.41 -7.40
N SER A 775 2.96 -41.72 -6.29
CA SER A 775 1.66 -41.73 -5.62
C SER A 775 1.03 -40.35 -5.46
N LEU A 776 -0.27 -40.28 -5.73
CA LEU A 776 -1.05 -39.07 -5.52
C LEU A 776 -2.15 -39.40 -4.52
N GLN A 777 -2.19 -38.65 -3.42
CA GLN A 777 -3.31 -38.77 -2.49
C GLN A 777 -4.56 -38.21 -3.17
N VAL A 778 -5.69 -38.87 -2.97
CA VAL A 778 -6.96 -38.34 -3.44
C VAL A 778 -7.63 -37.65 -2.26
N ILE A 779 -7.61 -36.31 -2.29
CA ILE A 779 -8.35 -35.49 -1.34
C ILE A 779 -9.83 -35.81 -1.50
N THR A 780 -10.41 -36.44 -0.48
CA THR A 780 -11.82 -36.78 -0.49
C THR A 780 -12.67 -35.50 -0.38
N SER A 781 -13.50 -35.31 -1.40
CA SER A 781 -14.28 -34.10 -1.61
C SER A 781 -15.35 -34.48 -2.63
N LYS A 782 -16.11 -33.51 -3.11
CA LYS A 782 -17.10 -33.79 -4.15
C LYS A 782 -16.45 -33.86 -5.54
N GLN A 783 -15.29 -33.22 -5.68
CA GLN A 783 -14.52 -33.24 -6.92
C GLN A 783 -13.22 -34.04 -6.85
N ARG A 784 -12.98 -34.68 -5.69
CA ARG A 784 -11.74 -35.44 -5.44
C ARG A 784 -10.52 -34.85 -6.13
N PRO A 785 -10.00 -33.71 -5.63
CA PRO A 785 -8.77 -33.22 -6.23
C PRO A 785 -7.60 -34.15 -5.89
N ARG A 786 -6.49 -34.03 -6.61
CA ARG A 786 -5.33 -34.89 -6.36
C ARG A 786 -4.20 -34.11 -5.72
N LYS A 787 -3.44 -34.78 -4.85
CA LYS A 787 -2.25 -34.18 -4.29
C LYS A 787 -1.03 -34.72 -5.02
N LEU A 788 -0.93 -34.35 -6.29
CA LEU A 788 0.25 -34.62 -7.10
C LEU A 788 1.50 -33.97 -6.50
N THR A 789 2.63 -34.67 -6.59
CA THR A 789 3.90 -34.12 -6.11
C THR A 789 5.04 -34.44 -7.09
N LEU A 790 5.80 -33.41 -7.47
CA LEU A 790 6.93 -33.56 -8.39
C LEU A 790 8.26 -33.36 -7.66
N MET A 791 9.32 -33.94 -8.23
CA MET A 791 10.66 -33.75 -7.69
C MET A 791 11.47 -32.85 -8.63
N GLY A 792 12.19 -31.90 -8.04
CA GLY A 792 12.87 -30.86 -8.81
C GLY A 792 14.32 -31.16 -9.17
N SER A 793 14.78 -30.57 -10.27
CA SER A 793 16.16 -30.72 -10.73
C SER A 793 17.16 -30.04 -9.79
N ASN A 794 16.64 -29.26 -8.85
CA ASN A 794 17.45 -28.72 -7.76
C ASN A 794 17.58 -29.71 -6.61
N GLY A 795 16.54 -30.51 -6.44
CA GLY A 795 16.46 -31.47 -5.34
C GLY A 795 15.18 -31.31 -4.52
N HIS A 796 14.67 -30.08 -4.47
CA HIS A 796 13.47 -29.78 -3.68
C HIS A 796 12.22 -30.42 -4.26
N GLU A 797 11.20 -30.53 -3.42
CA GLU A 797 9.94 -31.11 -3.81
C GLU A 797 8.92 -30.02 -4.07
N PHE A 798 8.04 -30.27 -5.03
CA PHE A 798 7.04 -29.30 -5.43
C PHE A 798 5.69 -29.99 -5.47
N VAL A 799 4.83 -29.67 -4.50
CA VAL A 799 3.54 -30.31 -4.36
C VAL A 799 2.43 -29.48 -5.02
N PHE A 800 1.49 -30.16 -5.66
CA PHE A 800 0.45 -29.48 -6.41
C PHE A 800 -0.92 -30.05 -6.09
N LEU A 801 -1.95 -29.35 -6.52
CA LEU A 801 -3.31 -29.84 -6.38
C LEU A 801 -3.94 -29.92 -7.76
N LEU A 802 -4.09 -31.13 -8.26
CA LEU A 802 -4.66 -31.33 -9.58
C LEU A 802 -6.18 -31.33 -9.52
N LYS A 803 -6.77 -30.19 -9.83
CA LYS A 803 -8.22 -30.04 -9.80
C LYS A 803 -8.83 -30.43 -11.15
N GLY A 804 -10.04 -30.98 -11.13
CA GLY A 804 -10.63 -31.62 -12.30
C GLY A 804 -11.70 -30.87 -13.08
N HIS A 805 -12.58 -30.18 -12.37
CA HIS A 805 -13.71 -29.50 -13.00
C HIS A 805 -13.85 -28.10 -12.41
N GLU A 806 -12.81 -27.29 -12.63
CA GLU A 806 -12.77 -25.90 -12.16
C GLU A 806 -11.92 -25.07 -13.11
N ASP A 807 -12.57 -24.17 -13.83
CA ASP A 807 -11.87 -23.27 -14.74
C ASP A 807 -10.93 -22.34 -13.98
N LEU A 808 -9.65 -22.71 -13.94
CA LEU A 808 -8.68 -22.03 -13.10
C LEU A 808 -8.19 -20.69 -13.65
N ARG A 809 -8.71 -20.27 -14.78
CA ARG A 809 -8.26 -19.06 -15.48
C ARG A 809 -8.53 -17.76 -14.70
N GLN A 810 -9.67 -17.70 -14.02
CA GLN A 810 -10.02 -16.57 -13.16
C GLN A 810 -9.04 -16.45 -12.01
N ASP A 811 -8.85 -17.56 -11.29
CA ASP A 811 -7.88 -17.64 -10.19
C ASP A 811 -6.52 -17.10 -10.62
N GLU A 812 -6.18 -17.29 -11.88
CA GLU A 812 -4.91 -16.87 -12.43
C GLU A 812 -4.80 -15.34 -12.49
N ARG A 813 -5.78 -14.70 -13.12
CA ARG A 813 -5.80 -13.24 -13.27
C ARG A 813 -5.85 -12.54 -11.92
N VAL A 814 -6.38 -13.25 -10.94
CA VAL A 814 -6.46 -12.76 -9.58
C VAL A 814 -5.05 -12.78 -8.99
N MET A 815 -4.40 -13.93 -9.09
CA MET A 815 -3.02 -14.07 -8.62
C MET A 815 -2.09 -13.07 -9.29
N GLN A 816 -2.44 -12.72 -10.51
CA GLN A 816 -1.81 -11.64 -11.23
C GLN A 816 -2.06 -10.30 -10.52
N LEU A 817 -3.34 -10.00 -10.28
CA LEU A 817 -3.73 -8.76 -9.59
C LEU A 817 -3.03 -8.65 -8.25
N PHE A 818 -2.96 -9.78 -7.53
CA PHE A 818 -2.26 -9.84 -6.24
C PHE A 818 -0.78 -9.51 -6.41
N GLY A 819 -0.16 -10.08 -7.43
CA GLY A 819 1.24 -9.80 -7.75
C GLY A 819 1.49 -8.30 -7.80
N LEU A 820 0.68 -7.61 -8.61
CA LEU A 820 0.71 -6.16 -8.70
C LEU A 820 0.57 -5.51 -7.34
N VAL A 821 -0.46 -5.92 -6.61
CA VAL A 821 -0.75 -5.36 -5.29
C VAL A 821 0.43 -5.54 -4.34
N ASN A 822 1.11 -6.68 -4.45
CA ASN A 822 2.30 -6.94 -3.65
C ASN A 822 3.43 -5.96 -3.95
N THR A 823 3.66 -5.69 -5.24
CA THR A 823 4.68 -4.73 -5.67
C THR A 823 4.39 -3.34 -5.12
N LEU A 824 3.13 -2.91 -5.24
CA LEU A 824 2.67 -1.62 -4.73
C LEU A 824 2.92 -1.47 -3.25
N LEU A 825 2.69 -2.53 -2.48
CA LEU A 825 2.92 -2.48 -1.04
C LEU A 825 4.41 -2.57 -0.69
N ALA A 826 5.18 -3.18 -1.58
CA ALA A 826 6.64 -3.26 -1.41
C ALA A 826 7.29 -1.91 -1.71
N ASN A 827 6.55 -1.01 -2.33
CA ASN A 827 7.06 0.30 -2.74
C ASN A 827 6.56 1.48 -1.91
N ASP A 828 5.41 1.33 -1.26
CA ASP A 828 5.01 2.30 -0.26
C ASP A 828 5.84 2.02 0.99
N PRO A 829 6.53 3.05 1.50
CA PRO A 829 7.44 2.91 2.65
C PRO A 829 6.81 2.22 3.88
N THR A 830 5.67 2.76 4.35
CA THR A 830 4.97 2.28 5.54
C THR A 830 4.55 0.82 5.42
N SER A 831 4.06 0.46 4.23
CA SER A 831 3.59 -0.91 3.94
C SER A 831 4.75 -1.88 3.92
N LEU A 832 5.90 -1.40 3.46
CA LEU A 832 7.14 -2.16 3.47
C LEU A 832 7.68 -2.25 4.89
N ARG A 833 7.53 -1.14 5.62
CA ARG A 833 7.88 -1.06 7.03
C ARG A 833 7.18 -2.14 7.85
N LYS A 834 5.94 -2.46 7.49
CA LYS A 834 5.12 -3.39 8.24
C LYS A 834 4.98 -4.77 7.58
N ASN A 835 5.76 -5.00 6.52
CA ASN A 835 5.79 -6.29 5.79
C ASN A 835 4.48 -6.72 5.10
N LEU A 836 3.62 -5.75 4.83
CA LEU A 836 2.28 -6.01 4.31
C LEU A 836 2.32 -6.66 2.94
N SER A 837 1.69 -7.83 2.83
CA SER A 837 1.68 -8.63 1.60
C SER A 837 0.46 -9.54 1.51
N ILE A 838 0.32 -10.22 0.38
CA ILE A 838 -0.65 -11.32 0.25
C ILE A 838 0.11 -12.58 -0.12
N GLN A 839 0.00 -13.63 0.68
CA GLN A 839 0.55 -14.94 0.28
C GLN A 839 -0.22 -15.40 -0.94
N ARG A 840 0.51 -15.51 -2.04
CA ARG A 840 -0.07 -16.00 -3.28
C ARG A 840 0.44 -17.41 -3.54
N TYR A 841 -0.02 -18.01 -4.64
CA TYR A 841 0.41 -19.35 -5.01
C TYR A 841 0.35 -19.53 -6.53
N ALA A 842 0.90 -20.63 -7.03
CA ALA A 842 1.00 -20.83 -8.47
C ALA A 842 -0.31 -21.34 -9.07
N VAL A 843 -0.69 -20.81 -10.23
CA VAL A 843 -1.91 -21.24 -10.92
C VAL A 843 -1.61 -21.56 -12.37
N ILE A 844 -1.63 -22.84 -12.70
CA ILE A 844 -1.32 -23.30 -14.06
C ILE A 844 -2.54 -23.96 -14.65
N PRO A 845 -3.34 -23.22 -15.44
CA PRO A 845 -4.48 -23.88 -16.10
C PRO A 845 -4.01 -24.97 -17.06
N LEU A 846 -4.76 -26.08 -17.13
CA LEU A 846 -4.44 -27.19 -18.04
C LEU A 846 -5.49 -27.36 -19.13
N SER A 847 -6.72 -26.98 -18.82
CA SER A 847 -7.81 -26.89 -19.79
C SER A 847 -8.87 -25.94 -19.24
N THR A 848 -10.07 -25.97 -19.84
CA THR A 848 -11.22 -25.24 -19.31
C THR A 848 -11.82 -25.98 -18.13
N ASN A 849 -11.63 -27.29 -18.12
CA ASN A 849 -12.01 -28.14 -17.00
C ASN A 849 -11.05 -28.06 -15.83
N SER A 850 -9.78 -28.36 -16.10
CA SER A 850 -8.81 -28.66 -15.06
C SER A 850 -7.73 -27.59 -14.90
N GLY A 851 -6.67 -27.97 -14.17
CA GLY A 851 -5.53 -27.12 -13.92
C GLY A 851 -4.82 -27.48 -12.64
N LEU A 852 -3.62 -26.93 -12.45
CA LEU A 852 -2.81 -27.20 -11.26
C LEU A 852 -2.81 -25.99 -10.31
N ILE A 853 -2.66 -26.26 -9.02
CA ILE A 853 -2.61 -25.21 -8.00
C ILE A 853 -1.49 -25.49 -7.03
N GLY A 854 -0.67 -24.47 -6.78
CA GLY A 854 0.42 -24.58 -5.82
C GLY A 854 -0.09 -24.89 -4.44
N TRP A 855 0.48 -25.92 -3.82
CA TRP A 855 0.13 -26.27 -2.46
C TRP A 855 0.93 -25.45 -1.47
N VAL A 856 0.25 -24.53 -0.79
CA VAL A 856 0.90 -23.73 0.21
C VAL A 856 1.22 -24.63 1.41
N PRO A 857 2.50 -24.67 1.83
CA PRO A 857 2.92 -25.55 2.91
C PRO A 857 2.54 -24.98 4.29
N HIS A 858 2.44 -25.86 5.29
CA HIS A 858 2.15 -25.49 6.69
C HIS A 858 0.74 -24.94 6.94
N CYS A 859 -0.20 -25.18 6.04
CA CYS A 859 -1.52 -24.55 6.17
C CYS A 859 -2.68 -25.50 6.46
N ASP A 860 -3.63 -25.01 7.26
CA ASP A 860 -4.88 -25.71 7.55
C ASP A 860 -6.01 -24.71 7.37
N THR A 861 -7.16 -25.16 6.85
CA THR A 861 -8.33 -24.27 6.74
C THR A 861 -8.74 -23.80 8.12
N LEU A 862 -9.34 -22.61 8.17
CA LEU A 862 -9.89 -22.09 9.40
C LEU A 862 -10.81 -23.14 10.03
N HIS A 863 -11.55 -23.82 9.16
CA HIS A 863 -12.47 -24.87 9.57
C HIS A 863 -11.75 -26.06 10.23
N ALA A 864 -10.57 -26.38 9.73
CA ALA A 864 -9.78 -27.50 10.27
C ALA A 864 -9.37 -27.22 11.71
N LEU A 865 -8.70 -26.09 11.91
CA LEU A 865 -8.16 -25.70 13.20
C LEU A 865 -9.23 -25.72 14.29
N ILE A 866 -10.44 -25.28 13.93
CA ILE A 866 -11.58 -25.30 14.84
C ILE A 866 -12.00 -26.74 15.13
N ARG A 867 -12.36 -27.50 14.10
CA ARG A 867 -12.84 -28.87 14.26
C ARG A 867 -11.97 -29.71 15.18
N ASP A 868 -10.66 -29.51 15.10
CA ASP A 868 -9.69 -30.18 15.97
C ASP A 868 -9.81 -29.68 17.41
N TYR A 869 -9.79 -28.35 17.57
CA TYR A 869 -9.92 -27.72 18.90
C TYR A 869 -11.22 -28.10 19.57
N ARG A 870 -12.30 -28.10 18.79
CA ARG A 870 -13.62 -28.42 19.31
C ARG A 870 -13.69 -29.85 19.77
N GLU A 871 -13.12 -30.77 18.99
CA GLU A 871 -13.11 -32.17 19.36
C GLU A 871 -12.16 -32.45 20.52
N LYS A 872 -11.04 -31.73 20.56
CA LYS A 872 -10.09 -31.85 21.67
C LYS A 872 -10.75 -31.41 22.98
N LYS A 873 -11.50 -30.31 22.93
CA LYS A 873 -12.16 -29.76 24.12
C LYS A 873 -13.59 -30.28 24.32
N LYS A 874 -13.94 -31.35 23.61
CA LYS A 874 -15.25 -32.00 23.70
C LYS A 874 -16.41 -31.01 23.48
N ILE A 875 -16.29 -30.17 22.45
CA ILE A 875 -17.37 -29.27 22.05
C ILE A 875 -17.95 -29.73 20.72
N LEU A 876 -19.28 -29.82 20.64
CA LEU A 876 -19.95 -30.22 19.41
C LEU A 876 -19.60 -29.24 18.29
N LEU A 877 -19.14 -29.77 17.16
CA LEU A 877 -18.57 -28.96 16.09
C LEU A 877 -19.49 -27.84 15.69
N ASN A 878 -20.68 -28.21 15.22
CA ASN A 878 -21.68 -27.22 14.87
C ASN A 878 -22.64 -27.11 16.04
N ILE A 879 -22.27 -26.27 17.00
CA ILE A 879 -23.06 -26.13 18.20
C ILE A 879 -23.92 -24.89 18.10
N GLU A 880 -23.35 -23.83 17.55
CA GLU A 880 -24.08 -22.61 17.27
C GLU A 880 -25.23 -22.98 16.35
N HIS A 881 -24.92 -23.84 15.39
CA HIS A 881 -25.91 -24.33 14.46
C HIS A 881 -27.04 -25.00 15.22
N ARG A 882 -26.72 -26.06 15.97
CA ARG A 882 -27.75 -26.82 16.67
C ARG A 882 -28.53 -25.92 17.62
N ILE A 883 -27.85 -24.94 18.21
CA ILE A 883 -28.50 -23.95 19.08
C ILE A 883 -29.59 -23.18 18.31
N MET A 884 -29.26 -22.69 17.13
CA MET A 884 -30.18 -21.88 16.34
C MET A 884 -31.46 -22.64 15.99
N LEU A 885 -31.32 -23.87 15.55
CA LEU A 885 -32.47 -24.67 15.13
C LEU A 885 -33.37 -25.08 16.27
N ARG A 886 -32.76 -25.39 17.42
CA ARG A 886 -33.51 -25.70 18.65
C ARG A 886 -34.41 -24.51 19.02
N MET A 887 -33.87 -23.30 18.91
CA MET A 887 -34.63 -22.08 19.17
C MET A 887 -35.64 -21.83 18.06
N ALA A 888 -35.16 -21.76 16.82
CA ALA A 888 -36.02 -21.47 15.67
C ALA A 888 -35.86 -22.48 14.54
N PRO A 889 -36.73 -23.51 14.51
CA PRO A 889 -36.68 -24.55 13.47
C PRO A 889 -36.78 -23.99 12.05
N ASP A 890 -37.48 -22.87 11.87
CA ASP A 890 -37.60 -22.24 10.55
C ASP A 890 -36.70 -21.03 10.39
N TYR A 891 -35.49 -21.11 10.97
CA TYR A 891 -34.61 -19.95 11.03
C TYR A 891 -34.56 -19.17 9.72
N ASP A 892 -34.39 -19.88 8.61
CA ASP A 892 -34.14 -19.25 7.32
C ASP A 892 -35.30 -18.36 6.80
N HIS A 893 -36.47 -18.53 7.41
CA HIS A 893 -37.68 -17.84 6.97
C HIS A 893 -38.10 -16.67 7.84
N LEU A 894 -37.39 -16.47 8.95
CA LEU A 894 -37.72 -15.39 9.88
C LEU A 894 -37.51 -13.99 9.30
N THR A 895 -38.12 -12.98 9.94
CA THR A 895 -37.84 -11.60 9.59
C THR A 895 -36.47 -11.23 10.12
N LEU A 896 -35.87 -10.18 9.56
CA LEU A 896 -34.55 -9.73 9.97
C LEU A 896 -34.49 -9.56 11.48
N MET A 897 -35.47 -8.88 12.04
CA MET A 897 -35.58 -8.67 13.48
C MET A 897 -35.55 -9.99 14.25
N GLN A 898 -36.38 -10.95 13.82
CA GLN A 898 -36.44 -12.28 14.41
C GLN A 898 -35.13 -13.04 14.29
N LYS A 899 -34.47 -12.90 13.13
CA LYS A 899 -33.19 -13.56 12.88
C LYS A 899 -32.08 -13.08 13.81
N VAL A 900 -31.99 -11.76 13.97
CA VAL A 900 -30.94 -11.17 14.79
C VAL A 900 -30.97 -11.73 16.21
N GLU A 901 -32.16 -11.86 16.79
CA GLU A 901 -32.28 -12.43 18.12
C GLU A 901 -31.68 -13.81 18.19
N VAL A 902 -32.15 -14.69 17.30
CA VAL A 902 -31.72 -16.07 17.26
C VAL A 902 -30.21 -16.14 17.09
N PHE A 903 -29.70 -15.33 16.17
CA PHE A 903 -28.26 -15.21 15.95
C PHE A 903 -27.53 -14.80 17.23
N GLU A 904 -27.98 -13.73 17.86
CA GLU A 904 -27.36 -13.24 19.09
C GLU A 904 -27.39 -14.28 20.17
N HIS A 905 -28.51 -15.01 20.25
CA HIS A 905 -28.68 -16.08 21.23
C HIS A 905 -27.55 -17.08 21.13
N ALA A 906 -27.25 -17.51 19.90
CA ALA A 906 -26.23 -18.50 19.66
C ALA A 906 -24.84 -18.02 20.09
N VAL A 907 -24.53 -16.77 19.74
CA VAL A 907 -23.25 -16.14 20.09
C VAL A 907 -23.07 -16.07 21.61
N ASN A 908 -24.14 -15.66 22.30
CA ASN A 908 -24.12 -15.50 23.76
C ASN A 908 -24.01 -16.83 24.52
N ASN A 909 -24.20 -17.94 23.82
CA ASN A 909 -24.13 -19.24 24.44
C ASN A 909 -23.09 -20.15 23.82
N THR A 910 -22.07 -19.53 23.24
CA THR A 910 -20.90 -20.25 22.76
C THR A 910 -19.65 -19.42 23.03
N ALA A 911 -18.50 -20.10 23.08
CA ALA A 911 -17.23 -19.44 23.28
C ALA A 911 -16.74 -18.80 22.00
N GLY A 912 -16.32 -17.53 22.09
CA GLY A 912 -15.80 -16.81 20.93
C GLY A 912 -14.28 -16.80 20.83
N ASP A 913 -13.62 -17.59 21.67
CA ASP A 913 -12.16 -17.66 21.70
C ASP A 913 -11.68 -18.61 20.63
N ASP A 914 -11.91 -19.89 20.86
CA ASP A 914 -11.46 -21.00 20.01
C ASP A 914 -10.19 -20.67 19.22
N LEU A 915 -10.35 -19.99 18.08
CA LEU A 915 -9.21 -19.56 17.26
C LEU A 915 -8.14 -18.88 18.08
N ALA A 916 -8.54 -17.85 18.82
CA ALA A 916 -7.63 -17.15 19.74
C ALA A 916 -6.90 -18.14 20.62
N LYS A 917 -7.66 -19.05 21.21
CA LYS A 917 -7.17 -19.93 22.25
C LYS A 917 -6.27 -21.07 21.75
N LEU A 918 -6.62 -21.65 20.59
CA LEU A 918 -5.83 -22.71 19.98
C LEU A 918 -4.51 -22.19 19.43
N LEU A 919 -4.50 -20.92 19.02
CA LEU A 919 -3.29 -20.27 18.56
C LEU A 919 -2.32 -20.02 19.71
N TRP A 920 -2.85 -19.90 20.93
CA TRP A 920 -2.02 -19.77 22.12
C TRP A 920 -1.37 -21.10 22.48
N LEU A 921 -2.16 -22.16 22.46
CA LEU A 921 -1.68 -23.52 22.76
C LEU A 921 -0.68 -24.04 21.70
N LYS A 922 -0.95 -23.70 20.43
CA LYS A 922 -0.06 -23.97 19.31
C LYS A 922 1.36 -23.46 19.54
N SER A 923 1.47 -22.23 20.06
CA SER A 923 2.74 -21.53 20.14
C SER A 923 3.74 -22.24 21.05
N PRO A 924 4.99 -22.42 20.55
CA PRO A 924 6.08 -23.03 21.32
C PRO A 924 6.66 -22.09 22.38
N SER A 925 6.46 -20.79 22.20
CA SER A 925 6.92 -19.80 23.16
C SER A 925 5.83 -18.74 23.39
N SER A 926 6.20 -17.47 23.32
CA SER A 926 5.25 -16.37 23.47
C SER A 926 5.62 -15.13 22.66
N GLU A 927 6.91 -14.95 22.36
CA GLU A 927 7.30 -13.94 21.39
C GLU A 927 7.00 -14.47 19.99
N VAL A 928 7.07 -15.79 19.83
CA VAL A 928 6.58 -16.46 18.63
C VAL A 928 5.06 -16.30 18.56
N TRP A 929 4.39 -16.50 19.69
CA TRP A 929 2.95 -16.29 19.76
C TRP A 929 2.57 -14.86 19.38
N PHE A 930 3.29 -13.89 19.93
CA PHE A 930 2.99 -12.48 19.69
C PHE A 930 3.21 -12.07 18.24
N ASP A 931 4.34 -12.49 17.68
CA ASP A 931 4.66 -12.19 16.29
C ASP A 931 3.65 -12.80 15.35
N ARG A 932 3.32 -14.09 15.58
CA ARG A 932 2.32 -14.81 14.79
C ARG A 932 0.99 -14.08 14.78
N ARG A 933 0.65 -13.45 15.90
CA ARG A 933 -0.53 -12.62 15.98
C ARG A 933 -0.36 -11.37 15.12
N THR A 934 0.69 -10.60 15.40
CA THR A 934 0.97 -9.36 14.65
C THR A 934 0.94 -9.62 13.14
N ASN A 935 1.41 -10.81 12.74
CA ASN A 935 1.41 -11.23 11.34
C ASN A 935 0.01 -11.46 10.85
N TYR A 936 -0.70 -12.32 11.57
CA TYR A 936 -2.09 -12.65 11.27
C TYR A 936 -2.95 -11.39 11.11
N THR A 937 -2.97 -10.55 12.14
CA THR A 937 -3.77 -9.32 12.14
C THR A 937 -3.56 -8.52 10.85
N ARG A 938 -2.31 -8.26 10.50
CA ARG A 938 -1.99 -7.46 9.32
C ARG A 938 -2.46 -8.13 8.03
N SER A 939 -1.93 -9.33 7.77
CA SER A 939 -2.21 -10.10 6.57
C SER A 939 -3.70 -10.21 6.24
N LEU A 940 -4.52 -10.24 7.30
CA LEU A 940 -5.97 -10.34 7.16
C LEU A 940 -6.59 -9.02 6.74
N ALA A 941 -6.19 -7.93 7.40
CA ALA A 941 -6.67 -6.60 7.04
C ALA A 941 -6.28 -6.28 5.60
N VAL A 942 -5.10 -6.73 5.20
CA VAL A 942 -4.63 -6.60 3.82
C VAL A 942 -5.65 -7.20 2.88
N MET A 943 -6.02 -8.45 3.15
CA MET A 943 -6.93 -9.20 2.29
C MET A 943 -8.41 -8.81 2.42
N SER A 944 -8.71 -8.12 3.52
CA SER A 944 -10.02 -7.55 3.71
C SER A 944 -10.23 -6.44 2.67
N MET A 945 -9.31 -5.47 2.65
CA MET A 945 -9.38 -4.32 1.75
C MET A 945 -9.34 -4.71 0.28
N VAL A 946 -8.32 -5.49 -0.07
CA VAL A 946 -8.12 -5.95 -1.43
C VAL A 946 -9.32 -6.78 -1.91
N GLY A 947 -9.74 -7.71 -1.06
CA GLY A 947 -10.91 -8.56 -1.29
C GLY A 947 -12.15 -7.76 -1.60
N TYR A 948 -12.35 -6.68 -0.83
CA TYR A 948 -13.46 -5.75 -1.07
C TYR A 948 -13.38 -5.11 -2.47
N ILE A 949 -12.21 -4.62 -2.84
CA ILE A 949 -12.04 -3.96 -4.13
C ILE A 949 -12.30 -4.95 -5.26
N LEU A 950 -11.79 -6.16 -5.08
CA LEU A 950 -12.05 -7.26 -6.02
C LEU A 950 -13.52 -7.71 -6.00
N GLY A 951 -14.20 -7.45 -4.88
CA GLY A 951 -15.58 -7.89 -4.68
C GLY A 951 -15.63 -9.36 -4.29
N LEU A 952 -14.62 -9.78 -3.53
CA LEU A 952 -14.38 -11.20 -3.27
C LEU A 952 -15.37 -11.79 -2.29
N GLY A 953 -16.41 -12.44 -2.81
CA GLY A 953 -17.41 -13.11 -1.97
C GLY A 953 -16.95 -14.45 -1.42
N ASP A 954 -17.90 -15.21 -0.85
CA ASP A 954 -17.73 -16.62 -0.47
C ASP A 954 -16.48 -16.88 0.41
N ARG A 955 -16.37 -16.19 1.52
CA ARG A 955 -15.18 -16.32 2.36
C ARG A 955 -15.43 -17.18 3.61
N HIS A 956 -16.06 -18.32 3.42
CA HIS A 956 -16.38 -19.23 4.52
C HIS A 956 -15.14 -20.01 5.02
N PRO A 957 -15.24 -20.63 6.21
CA PRO A 957 -14.07 -21.22 6.90
C PRO A 957 -13.24 -22.26 6.15
N SER A 958 -13.70 -22.70 4.97
CA SER A 958 -12.91 -23.65 4.18
C SER A 958 -12.25 -22.99 2.98
N ASN A 959 -12.45 -21.68 2.87
CA ASN A 959 -11.92 -20.88 1.76
C ASN A 959 -10.83 -19.93 2.18
N LEU A 960 -10.56 -19.87 3.47
CA LEU A 960 -9.34 -19.23 3.94
C LEU A 960 -8.61 -20.14 4.92
N MET A 961 -7.31 -19.95 5.03
CA MET A 961 -6.51 -20.77 5.90
C MET A 961 -5.36 -19.99 6.51
N LEU A 962 -4.76 -20.57 7.54
CA LEU A 962 -3.71 -19.91 8.31
C LEU A 962 -2.38 -20.65 8.23
N ASP A 963 -1.32 -19.89 7.97
CA ASP A 963 0.02 -20.45 7.99
C ASP A 963 0.37 -20.66 9.44
N ARG A 964 0.66 -21.91 9.81
CA ARG A 964 0.87 -22.25 11.21
C ARG A 964 2.28 -21.92 11.68
N LEU A 965 3.09 -21.33 10.80
CA LEU A 965 4.45 -20.92 11.17
C LEU A 965 4.71 -19.41 11.19
N SER A 966 4.04 -18.66 10.31
CA SER A 966 4.09 -17.20 10.35
C SER A 966 2.83 -16.65 11.02
N GLY A 967 1.71 -17.31 10.78
CA GLY A 967 0.43 -16.83 11.27
C GLY A 967 -0.34 -16.19 10.14
N LYS A 968 0.39 -15.65 9.16
CA LYS A 968 -0.22 -14.90 8.05
C LYS A 968 -1.35 -15.66 7.37
N ILE A 969 -2.41 -14.94 7.06
CA ILE A 969 -3.61 -15.53 6.51
C ILE A 969 -3.50 -15.67 4.99
N LEU A 970 -4.27 -16.60 4.44
CA LEU A 970 -4.16 -16.94 3.03
C LEU A 970 -5.52 -17.28 2.42
N HIS A 971 -5.82 -16.66 1.29
CA HIS A 971 -7.08 -16.88 0.62
C HIS A 971 -6.95 -17.83 -0.55
N ILE A 972 -7.90 -18.76 -0.64
CA ILE A 972 -8.03 -19.69 -1.76
C ILE A 972 -9.43 -19.56 -2.35
N ASP A 973 -9.69 -20.23 -3.47
CA ASP A 973 -11.04 -20.32 -4.07
C ASP A 973 -11.63 -18.97 -4.50
N PHE A 974 -11.17 -18.47 -5.65
CA PHE A 974 -11.61 -17.16 -6.14
C PHE A 974 -12.71 -17.26 -7.17
N GLY A 975 -13.71 -18.10 -6.88
CA GLY A 975 -14.90 -18.19 -7.71
C GLY A 975 -15.60 -16.84 -7.77
N ASP A 976 -16.32 -16.52 -6.69
CA ASP A 976 -17.17 -15.32 -6.63
C ASP A 976 -16.34 -14.04 -6.51
N CYS A 977 -16.21 -13.34 -7.65
CA CYS A 977 -15.54 -12.05 -7.67
C CYS A 977 -16.49 -10.97 -8.14
N PHE A 978 -16.21 -9.74 -7.70
CA PHE A 978 -17.12 -8.61 -7.89
C PHE A 978 -18.41 -8.94 -7.18
N GLU A 979 -19.26 -7.95 -6.97
CA GLU A 979 -20.47 -8.14 -6.16
C GLU A 979 -21.15 -9.51 -6.28
N VAL A 980 -21.06 -10.14 -7.45
CA VAL A 980 -21.60 -11.50 -7.74
C VAL A 980 -22.28 -12.22 -6.59
N ALA A 981 -21.54 -12.50 -5.53
CA ALA A 981 -22.05 -13.21 -4.35
C ALA A 981 -23.18 -12.45 -3.63
N MET A 982 -23.07 -11.12 -3.58
CA MET A 982 -24.10 -10.25 -3.01
C MET A 982 -25.32 -10.17 -3.92
N THR A 983 -25.08 -10.14 -5.23
CA THR A 983 -26.15 -9.96 -6.22
C THR A 983 -27.07 -11.17 -6.34
N ARG A 984 -26.57 -12.34 -5.92
CA ARG A 984 -27.27 -13.62 -6.09
C ARG A 984 -28.71 -13.68 -5.53
N GLU A 985 -29.46 -14.67 -5.99
CA GLU A 985 -30.85 -14.82 -5.58
C GLU A 985 -31.00 -15.45 -4.19
N LYS A 986 -30.42 -16.63 -4.01
CA LYS A 986 -30.55 -17.36 -2.74
C LYS A 986 -29.40 -17.08 -1.76
N PHE A 987 -29.76 -16.55 -0.60
CA PHE A 987 -28.81 -16.22 0.47
C PHE A 987 -27.71 -15.24 0.05
N PRO A 988 -28.09 -13.99 -0.25
CA PRO A 988 -27.15 -12.98 -0.68
C PRO A 988 -26.25 -12.54 0.44
N GLU A 989 -24.95 -12.50 0.18
CA GLU A 989 -23.96 -12.02 1.14
C GLU A 989 -24.10 -10.51 1.31
N LYS A 990 -24.31 -10.08 2.55
CA LYS A 990 -24.43 -8.64 2.87
C LYS A 990 -23.06 -8.07 3.21
N ILE A 991 -22.24 -8.96 3.79
CA ILE A 991 -20.87 -8.72 4.19
C ILE A 991 -19.98 -8.23 3.03
N PRO A 992 -18.99 -7.37 3.34
CA PRO A 992 -17.93 -7.04 2.38
C PRO A 992 -16.71 -7.98 2.42
N PHE A 993 -16.35 -8.46 3.61
CA PHE A 993 -15.25 -9.42 3.78
C PHE A 993 -15.43 -10.09 5.13
N ARG A 994 -14.85 -11.27 5.34
CA ARG A 994 -15.12 -11.95 6.60
C ARG A 994 -14.35 -11.31 7.73
N LEU A 995 -15.11 -10.76 8.67
CA LEU A 995 -14.57 -10.21 9.90
C LEU A 995 -15.40 -10.81 11.03
N THR A 996 -15.51 -12.13 10.97
CA THR A 996 -16.25 -12.91 11.93
C THR A 996 -15.71 -12.69 13.36
N ARG A 997 -16.46 -13.12 14.38
CA ARG A 997 -16.08 -12.84 15.77
C ARG A 997 -14.76 -13.48 16.22
N MET A 998 -14.54 -14.74 15.90
CA MET A 998 -13.32 -15.46 16.30
C MET A 998 -12.10 -14.94 15.56
N LEU A 999 -12.32 -14.26 14.45
CA LEU A 999 -11.24 -13.54 13.80
C LEU A 999 -10.87 -12.32 14.62
N THR A 1000 -11.87 -11.49 14.94
CA THR A 1000 -11.70 -10.28 15.73
C THR A 1000 -11.01 -10.60 17.04
N ASN A 1001 -11.44 -11.72 17.62
CA ASN A 1001 -11.00 -12.17 18.93
C ASN A 1001 -9.58 -12.73 18.99
N ALA A 1002 -9.07 -13.23 17.87
CA ALA A 1002 -7.71 -13.74 17.80
C ALA A 1002 -6.67 -12.62 17.74
N MET A 1003 -7.09 -11.43 17.29
CA MET A 1003 -6.28 -10.21 17.31
C MET A 1003 -5.98 -9.78 18.75
N GLU A 1004 -5.20 -8.70 18.91
CA GLU A 1004 -5.06 -8.12 20.25
C GLU A 1004 -6.42 -7.58 20.69
N VAL A 1005 -6.69 -7.62 22.00
CA VAL A 1005 -7.83 -6.87 22.55
C VAL A 1005 -7.54 -5.39 22.32
N THR A 1006 -8.58 -4.64 21.98
CA THR A 1006 -8.43 -3.32 21.33
C THR A 1006 -8.17 -3.55 19.82
N GLY A 1007 -8.59 -4.72 19.36
CA GLY A 1007 -8.29 -5.20 18.01
C GLY A 1007 -8.47 -4.20 16.90
N LEU A 1008 -9.73 -3.97 16.54
CA LEU A 1008 -10.08 -3.18 15.35
C LEU A 1008 -9.57 -1.74 15.41
N ASP A 1009 -9.31 -1.25 16.61
CA ASP A 1009 -8.74 0.07 16.78
C ASP A 1009 -7.24 0.04 16.50
N GLY A 1010 -6.59 -1.03 16.96
CA GLY A 1010 -5.16 -1.19 16.83
C GLY A 1010 -4.69 -1.59 15.44
N ASN A 1011 -3.74 -2.54 15.41
CA ASN A 1011 -3.07 -2.97 14.19
C ASN A 1011 -3.96 -3.09 12.95
N TYR A 1012 -5.17 -3.63 13.12
CA TYR A 1012 -6.08 -3.89 12.00
C TYR A 1012 -6.47 -2.62 11.23
N ARG A 1013 -7.16 -1.70 11.91
CA ARG A 1013 -7.68 -0.51 11.24
C ARG A 1013 -6.55 0.30 10.61
N ILE A 1014 -5.47 0.50 11.36
CA ILE A 1014 -4.31 1.24 10.86
C ILE A 1014 -3.85 0.60 9.55
N THR A 1015 -3.61 -0.72 9.59
CA THR A 1015 -3.22 -1.48 8.41
C THR A 1015 -4.26 -1.36 7.29
N CYS A 1016 -5.52 -1.22 7.66
CA CYS A 1016 -6.60 -1.04 6.67
C CYS A 1016 -6.47 0.24 5.86
N HIS A 1017 -6.31 1.40 6.49
CA HIS A 1017 -6.10 2.61 5.67
C HIS A 1017 -4.74 2.70 4.99
N THR A 1018 -3.71 2.08 5.60
CA THR A 1018 -2.41 2.04 4.94
C THR A 1018 -2.54 1.32 3.60
N VAL A 1019 -3.12 0.12 3.64
CA VAL A 1019 -3.38 -0.68 2.45
C VAL A 1019 -4.34 0.06 1.51
N MET A 1020 -5.49 0.47 2.03
CA MET A 1020 -6.47 1.16 1.22
C MET A 1020 -5.90 2.44 0.62
N GLU A 1021 -4.98 3.06 1.36
CA GLU A 1021 -4.30 4.28 0.92
C GLU A 1021 -3.57 4.03 -0.38
N VAL A 1022 -2.65 3.07 -0.33
CA VAL A 1022 -1.87 2.64 -1.49
C VAL A 1022 -2.77 2.41 -2.70
N LEU A 1023 -3.83 1.65 -2.48
CA LEU A 1023 -4.75 1.29 -3.54
C LEU A 1023 -5.32 2.53 -4.22
N ARG A 1024 -5.81 3.50 -3.45
CA ARG A 1024 -6.47 4.68 -4.02
C ARG A 1024 -5.49 5.56 -4.79
N GLU A 1025 -4.23 5.54 -4.39
CA GLU A 1025 -3.23 6.28 -5.11
C GLU A 1025 -2.97 5.64 -6.47
N HIS A 1026 -2.65 4.35 -6.45
CA HIS A 1026 -2.32 3.62 -7.66
C HIS A 1026 -3.54 3.01 -8.31
N LYS A 1027 -4.68 3.71 -8.20
CA LYS A 1027 -5.97 3.16 -8.65
C LYS A 1027 -5.99 2.83 -10.14
N ASP A 1028 -5.13 3.48 -10.91
CA ASP A 1028 -5.09 3.28 -12.36
C ASP A 1028 -4.49 1.93 -12.72
N SER A 1029 -3.36 1.60 -12.09
CA SER A 1029 -2.74 0.28 -12.25
C SER A 1029 -3.71 -0.83 -11.88
N VAL A 1030 -4.38 -0.67 -10.74
CA VAL A 1030 -5.35 -1.63 -10.26
C VAL A 1030 -6.52 -1.76 -11.24
N MET A 1031 -6.88 -0.65 -11.87
CA MET A 1031 -8.00 -0.68 -12.81
C MET A 1031 -7.61 -1.21 -14.19
N ALA A 1032 -6.37 -0.96 -14.59
CA ALA A 1032 -5.83 -1.59 -15.80
C ALA A 1032 -6.01 -3.12 -15.73
N VAL A 1033 -5.47 -3.74 -14.67
CA VAL A 1033 -5.58 -5.18 -14.45
C VAL A 1033 -7.04 -5.64 -14.47
N LEU A 1034 -7.88 -5.04 -13.63
CA LEU A 1034 -9.26 -5.49 -13.50
C LEU A 1034 -10.06 -5.31 -14.79
N GLU A 1035 -9.90 -4.16 -15.43
CA GLU A 1035 -10.49 -3.92 -16.74
C GLU A 1035 -10.07 -5.01 -17.72
N ALA A 1036 -8.82 -5.45 -17.59
CA ALA A 1036 -8.20 -6.42 -18.49
C ALA A 1036 -8.75 -7.83 -18.38
N PHE A 1037 -9.58 -8.10 -17.38
CA PHE A 1037 -10.25 -9.40 -17.34
C PHE A 1037 -11.76 -9.32 -17.11
N VAL A 1038 -12.29 -8.11 -17.04
CA VAL A 1038 -13.73 -7.94 -17.08
C VAL A 1038 -14.13 -7.89 -18.55
N TYR A 1039 -13.48 -7.04 -19.32
CA TYR A 1039 -13.72 -6.97 -20.77
C TYR A 1039 -12.99 -8.08 -21.55
N ASP A 1040 -12.39 -9.03 -20.84
CA ASP A 1040 -11.72 -10.16 -21.48
C ASP A 1040 -12.76 -11.13 -22.09
N PRO A 1041 -12.61 -11.46 -23.38
CA PRO A 1041 -13.59 -12.23 -24.16
C PRO A 1041 -14.04 -13.56 -23.55
N LEU A 1042 -13.08 -14.37 -23.11
CA LEU A 1042 -13.33 -15.73 -22.66
C LEU A 1042 -13.86 -15.79 -21.22
N LEU A 1043 -13.62 -14.72 -20.45
CA LEU A 1043 -13.89 -14.74 -19.02
C LEU A 1043 -15.16 -14.00 -18.58
N ASN A 1044 -15.97 -13.57 -19.55
CA ASN A 1044 -17.22 -12.89 -19.26
C ASN A 1044 -18.35 -13.81 -18.77
N TRP A 1045 -18.10 -15.12 -18.74
CA TRP A 1045 -19.13 -16.10 -18.41
C TRP A 1045 -19.55 -16.12 -16.93
N ARG A 1046 -18.79 -15.45 -16.07
CA ARG A 1046 -19.10 -15.41 -14.63
C ARG A 1046 -19.96 -14.22 -14.18
N LEU A 1047 -20.61 -13.58 -15.15
CA LEU A 1047 -21.47 -12.40 -14.91
C LEU A 1047 -22.86 -12.59 -15.53
N MET A 1048 -22.93 -13.36 -16.61
CA MET A 1048 -24.22 -13.89 -17.13
C MET A 1048 -24.80 -14.96 -16.20
N ASP A 1049 -24.14 -15.16 -15.05
CA ASP A 1049 -24.59 -16.09 -14.02
C ASP A 1049 -25.56 -15.40 -13.04
N THR A 1050 -25.85 -14.13 -13.29
CA THR A 1050 -26.88 -13.38 -12.55
C THR A 1050 -28.28 -13.91 -12.94
N ASN A 1051 -28.32 -14.73 -13.99
CA ASN A 1051 -29.52 -15.47 -14.39
C ASN A 1051 -29.91 -16.57 -13.39
N THR A 1052 -28.91 -17.28 -12.86
CA THR A 1052 -29.13 -18.33 -11.85
C THR A 1052 -28.74 -17.83 -10.47
N ALA A 1108 -24.56 -6.19 -25.21
CA ALA A 1108 -25.15 -7.27 -24.42
C ALA A 1108 -24.55 -7.30 -23.00
N LEU A 1109 -23.56 -8.17 -22.79
CA LEU A 1109 -22.79 -8.21 -21.54
C LEU A 1109 -21.92 -6.97 -21.37
N ASN A 1110 -21.71 -6.24 -22.47
CA ASN A 1110 -20.94 -4.99 -22.49
C ASN A 1110 -21.42 -4.02 -21.40
N LYS A 1111 -22.74 -3.95 -21.23
CA LYS A 1111 -23.37 -3.06 -20.28
C LYS A 1111 -23.06 -3.48 -18.84
N LYS A 1112 -23.17 -4.78 -18.57
CA LYS A 1112 -22.88 -5.35 -17.26
C LYS A 1112 -21.43 -5.11 -16.87
N ALA A 1113 -20.55 -5.41 -17.81
CA ALA A 1113 -19.11 -5.25 -17.64
C ALA A 1113 -18.73 -3.82 -17.28
N ILE A 1114 -19.44 -2.86 -17.86
CA ILE A 1114 -19.21 -1.45 -17.57
C ILE A 1114 -19.52 -1.16 -16.09
N GLN A 1115 -20.69 -1.60 -15.62
CA GLN A 1115 -21.09 -1.40 -14.23
C GLN A 1115 -20.04 -1.92 -13.28
N ILE A 1116 -19.74 -3.21 -13.42
CA ILE A 1116 -18.76 -3.92 -12.58
C ILE A 1116 -17.51 -3.08 -12.38
N ILE A 1117 -17.05 -2.47 -13.45
CA ILE A 1117 -15.85 -1.64 -13.46
C ILE A 1117 -16.06 -0.27 -12.81
N ASN A 1118 -17.21 0.35 -13.04
CA ASN A 1118 -17.58 1.55 -12.31
C ASN A 1118 -17.57 1.26 -10.83
N ARG A 1119 -18.29 0.21 -10.44
CA ARG A 1119 -18.38 -0.22 -9.06
C ARG A 1119 -17.02 -0.25 -8.38
N VAL A 1120 -16.01 -0.72 -9.13
CA VAL A 1120 -14.64 -0.80 -8.61
C VAL A 1120 -14.04 0.61 -8.47
N ARG A 1121 -14.20 1.43 -9.51
CA ARG A 1121 -13.72 2.81 -9.46
C ARG A 1121 -14.31 3.58 -8.27
N ASP A 1122 -15.62 3.45 -8.07
CA ASP A 1122 -16.28 3.99 -6.87
C ASP A 1122 -15.53 3.59 -5.61
N LYS A 1123 -15.22 2.30 -5.48
CA LYS A 1123 -14.50 1.80 -4.31
C LYS A 1123 -13.11 2.43 -4.15
N LEU A 1124 -12.50 2.79 -5.28
CA LEU A 1124 -11.15 3.39 -5.28
C LEU A 1124 -11.17 4.92 -5.29
N THR A 1125 -12.36 5.50 -5.37
CA THR A 1125 -12.54 6.94 -5.26
C THR A 1125 -13.53 7.31 -4.16
N GLY A 1126 -13.75 6.37 -3.23
CA GLY A 1126 -14.64 6.60 -2.08
C GLY A 1126 -16.09 6.96 -2.36
N ARG A 1127 -16.61 6.53 -3.51
CA ARG A 1127 -18.00 6.76 -3.87
C ARG A 1127 -18.79 5.46 -3.75
N ASP A 1128 -18.23 4.52 -3.01
CA ASP A 1128 -18.76 3.18 -2.90
C ASP A 1128 -19.97 3.07 -2.00
N PHE A 1129 -20.21 4.11 -1.21
CA PHE A 1129 -21.39 4.15 -0.35
C PHE A 1129 -22.42 5.15 -0.89
N SER A 1130 -22.37 6.38 -0.39
CA SER A 1130 -23.20 7.44 -0.94
C SER A 1130 -22.69 7.83 -2.32
N HIS A 1131 -23.64 8.03 -3.21
CA HIS A 1131 -23.42 8.44 -4.59
C HIS A 1131 -22.61 9.72 -4.74
N ASP A 1132 -22.91 10.71 -3.90
CA ASP A 1132 -22.43 12.09 -4.08
C ASP A 1132 -21.26 12.48 -3.20
N ASP A 1133 -21.25 11.97 -1.97
CA ASP A 1133 -20.11 12.18 -1.08
C ASP A 1133 -18.91 11.38 -1.59
N THR A 1134 -17.75 12.03 -1.56
CA THR A 1134 -16.51 11.39 -1.96
C THR A 1134 -15.71 11.16 -0.68
N LEU A 1135 -16.02 10.05 0.00
CA LEU A 1135 -15.53 9.74 1.35
C LEU A 1135 -14.05 9.47 1.37
N ASP A 1136 -13.36 10.00 2.38
CA ASP A 1136 -11.94 9.76 2.54
C ASP A 1136 -11.69 8.41 3.20
N VAL A 1137 -10.46 7.94 3.08
CA VAL A 1137 -10.10 6.57 3.50
C VAL A 1137 -10.67 6.19 4.86
N PRO A 1138 -10.21 6.84 5.94
CA PRO A 1138 -10.58 6.34 7.26
C PRO A 1138 -12.09 6.20 7.46
N THR A 1139 -12.86 7.09 6.82
CA THR A 1139 -14.31 7.03 6.89
C THR A 1139 -14.83 5.76 6.21
N GLN A 1140 -14.43 5.59 4.97
CA GLN A 1140 -14.82 4.44 4.16
C GLN A 1140 -14.47 3.15 4.87
N VAL A 1141 -13.23 3.05 5.34
CA VAL A 1141 -12.75 1.92 6.14
C VAL A 1141 -13.67 1.67 7.34
N GLU A 1142 -13.93 2.71 8.12
CA GLU A 1142 -14.84 2.62 9.26
C GLU A 1142 -16.22 2.11 8.85
N LEU A 1143 -16.78 2.74 7.81
CA LEU A 1143 -18.04 2.28 7.23
C LEU A 1143 -18.03 0.81 6.90
N LEU A 1144 -16.92 0.34 6.33
CA LEU A 1144 -16.80 -1.06 5.91
C LEU A 1144 -16.70 -1.98 7.10
N ILE A 1145 -15.81 -1.66 8.05
CA ILE A 1145 -15.66 -2.47 9.25
C ILE A 1145 -17.01 -2.61 9.94
N LYS A 1146 -17.74 -1.49 10.00
CA LYS A 1146 -19.11 -1.47 10.50
C LYS A 1146 -19.99 -2.49 9.76
N GLN A 1147 -20.00 -2.40 8.42
CA GLN A 1147 -20.78 -3.31 7.56
C GLN A 1147 -20.43 -4.80 7.76
N ALA A 1148 -19.16 -5.08 8.03
CA ALA A 1148 -18.67 -6.45 8.18
C ALA A 1148 -18.99 -7.07 9.55
N THR A 1149 -19.34 -6.18 10.48
CA THR A 1149 -19.55 -6.51 11.88
C THR A 1149 -21.03 -6.58 12.21
N SER A 1150 -21.82 -5.83 11.45
CA SER A 1150 -23.25 -5.73 11.72
C SER A 1150 -23.91 -7.09 11.87
N HIS A 1151 -24.47 -7.33 13.05
CA HIS A 1151 -25.26 -8.54 13.31
C HIS A 1151 -26.39 -8.69 12.30
N GLU A 1152 -26.94 -7.56 11.87
CA GLU A 1152 -28.01 -7.54 10.87
C GLU A 1152 -27.54 -8.05 9.52
N ASN A 1153 -26.24 -8.03 9.30
CA ASN A 1153 -25.66 -8.56 8.08
C ASN A 1153 -25.23 -10.00 8.19
N LEU A 1154 -24.75 -10.37 9.37
CA LEU A 1154 -24.13 -11.67 9.55
C LEU A 1154 -25.19 -12.75 9.72
N CYS A 1155 -26.30 -12.39 10.35
CA CYS A 1155 -27.35 -13.35 10.60
C CYS A 1155 -27.98 -13.82 9.28
N GLN A 1156 -27.84 -13.02 8.23
CA GLN A 1156 -28.46 -13.33 6.95
C GLN A 1156 -27.58 -14.20 6.07
N CYS A 1157 -26.36 -14.45 6.53
CA CYS A 1157 -25.40 -15.24 5.78
C CYS A 1157 -25.81 -16.70 5.75
N TYR A 1158 -25.57 -17.37 4.62
CA TYR A 1158 -25.78 -18.78 4.53
C TYR A 1158 -25.06 -19.45 5.70
N ILE A 1159 -25.72 -20.42 6.31
CA ILE A 1159 -25.26 -21.05 7.55
C ILE A 1159 -23.84 -21.68 7.44
N GLY A 1160 -23.50 -22.12 6.23
CA GLY A 1160 -22.20 -22.71 5.96
C GLY A 1160 -21.08 -21.73 6.20
N TRP A 1161 -21.29 -20.48 5.78
CA TRP A 1161 -20.36 -19.38 6.00
C TRP A 1161 -20.00 -19.22 7.47
N CYS A 1162 -20.67 -19.98 8.36
CA CYS A 1162 -20.45 -19.91 9.81
C CYS A 1162 -20.28 -18.47 10.32
N PRO A 1163 -21.34 -17.65 10.20
CA PRO A 1163 -21.24 -16.23 10.60
C PRO A 1163 -20.92 -16.01 12.09
N PHE A 1164 -20.69 -17.08 12.83
CA PHE A 1164 -20.40 -17.04 14.26
C PHE A 1164 -19.07 -17.70 14.62
N TRP A 1165 -18.16 -17.81 13.64
CA TRP A 1165 -16.83 -18.38 13.87
C TRP A 1165 -15.74 -17.35 13.74
PB ADP B . -13.83 -26.25 -3.38
O1B ADP B . -14.44 -26.62 -4.74
O2B ADP B . -14.21 -27.20 -2.25
O3B ADP B . -14.01 -24.78 -3.10
PA ADP B . -11.07 -26.22 -2.43
O1A ADP B . -11.72 -25.77 -1.12
O2A ADP B . -9.99 -25.35 -3.03
O3A ADP B . -12.22 -26.45 -3.56
O5' ADP B . -10.47 -27.71 -2.23
C5' ADP B . -10.72 -28.48 -1.05
C4' ADP B . -9.51 -28.41 -0.12
O4' ADP B . -8.27 -28.37 -0.83
C3' ADP B . -9.45 -27.17 0.77
O3' ADP B . -10.36 -27.24 1.86
C2' ADP B . -7.99 -27.10 1.17
O2' ADP B . -7.67 -27.97 2.26
C1' ADP B . -7.27 -27.68 -0.04
N9 ADP B . -6.56 -26.61 -0.82
C8 ADP B . -7.07 -25.94 -1.88
N7 ADP B . -6.18 -25.05 -2.39
C5 ADP B . -5.06 -25.14 -1.64
C6 ADP B . -3.73 -24.47 -1.62
N6 ADP B . -3.45 -23.52 -2.54
N1 ADP B . -2.83 -24.85 -0.67
C2 ADP B . -3.12 -25.79 0.24
N3 ADP B . -4.31 -26.43 0.29
C4 ADP B . -5.31 -26.16 -0.61
MG MG C . -13.22 -24.45 -0.72
MG MG D . -15.86 -21.89 -4.73
F1 MGF E . -15.35 -24.24 -0.48
MG MGF E . -16.28 -24.16 -2.03
F2 MGF E . -17.08 -25.66 -2.66
F3 MGF E . -16.36 -22.63 -3.00
#